data_8XT7
#
_entry.id   8XT7
#
_cell.length_a   85.829
_cell.length_b   85.772
_cell.length_c   97.852
_cell.angle_alpha   90.00
_cell.angle_beta   104.44
_cell.angle_gamma   90.00
#
_symmetry.space_group_name_H-M   'P 1 21 1'
#
loop_
_entity.id
_entity.type
_entity.pdbx_description
1 polymer 'Arsenite methyltransferase'
2 non-polymer 1,2-ETHANEDIOL
3 water water
#
_entity_poly.entity_id   1
_entity_poly.type   'polypeptide(L)'
_entity_poly.pdbx_seq_one_letter_code
;PVPKHIREALQNVHEEVALRYYGCGLVIPEHLENCWILDLGSGSGRDCYVLSQLVGEKGHVTGIDMTKGQVEVAEKYLDY
HMEKYGFQASNVTFIHGYIEKLGEAGIKNESHDIVVSNCVINLVPDKQQVLQEAYRVLKHGGELYFSDVYTSLELPEEIR
THKVLWGECLGGALYWKELAVLAQKIGFCPPRLVTANLITIQNKELERVIGDCRFVSATFRLFKHSKTGPTKRCQVIYNG
GITGHEKELMFDANFTFKEGEIVEVDEETAAILKNSRFAQDFLIRPIGEKLPTSGGCSALELKDIITDPFKLAEESDSMK
S
;
_entity_poly.pdbx_strand_id   A,B,C,D
#
loop_
_chem_comp.id
_chem_comp.type
_chem_comp.name
_chem_comp.formula
EDO non-polymer 1,2-ETHANEDIOL 'C2 H6 O2'
#
# COMPACT_ATOMS: atom_id res chain seq x y z
N PRO A 1 36.19 -24.84 -10.01
CA PRO A 1 36.80 -24.68 -11.35
C PRO A 1 35.78 -24.37 -12.44
N VAL A 2 35.92 -23.21 -13.09
CA VAL A 2 34.95 -22.76 -14.07
C VAL A 2 34.86 -23.74 -15.22
N PRO A 3 33.72 -24.42 -15.37
CA PRO A 3 33.53 -25.34 -16.51
C PRO A 3 33.86 -24.68 -17.84
N LYS A 4 34.39 -25.48 -18.77
CA LYS A 4 34.90 -24.89 -20.00
C LYS A 4 33.84 -24.06 -20.71
N HIS A 5 32.62 -24.58 -20.84
CA HIS A 5 31.62 -23.92 -21.69
C HIS A 5 31.29 -22.53 -21.14
N ILE A 6 31.42 -22.35 -19.84
CA ILE A 6 31.23 -21.01 -19.29
C ILE A 6 32.44 -20.14 -19.64
N ARG A 7 33.66 -20.66 -19.44
CA ARG A 7 34.88 -19.94 -19.80
C ARG A 7 34.80 -19.43 -21.23
N GLU A 8 34.33 -20.27 -22.14
CA GLU A 8 34.32 -19.93 -23.55
C GLU A 8 33.21 -18.96 -23.87
N ALA A 9 32.05 -19.11 -23.23
CA ALA A 9 31.00 -18.11 -23.39
C ALA A 9 31.50 -16.73 -22.94
N LEU A 10 32.29 -16.68 -21.86
CA LEU A 10 32.89 -15.42 -21.43
C LEU A 10 33.82 -14.88 -22.50
N GLN A 11 34.71 -15.72 -23.01
CA GLN A 11 35.64 -15.24 -24.03
C GLN A 11 34.93 -14.66 -25.26
N ASN A 12 33.66 -15.03 -25.47
CA ASN A 12 32.96 -14.65 -26.68
C ASN A 12 32.08 -13.41 -26.53
N VAL A 13 32.16 -12.67 -25.43
CA VAL A 13 31.48 -11.37 -25.38
C VAL A 13 32.41 -10.31 -25.95
N HIS A 14 31.85 -9.45 -26.79
CA HIS A 14 32.59 -8.30 -27.33
C HIS A 14 33.42 -7.61 -26.26
N GLU A 15 34.71 -7.40 -26.55
CA GLU A 15 35.61 -6.98 -25.50
C GLU A 15 35.18 -5.65 -24.90
N GLU A 16 34.55 -4.77 -25.69
CA GLU A 16 34.03 -3.53 -25.12
C GLU A 16 33.10 -3.82 -23.95
N VAL A 17 32.09 -4.66 -24.21
CA VAL A 17 31.14 -5.06 -23.19
C VAL A 17 31.86 -5.61 -21.96
N ALA A 18 32.79 -6.53 -22.17
CA ALA A 18 33.47 -7.14 -21.04
C ALA A 18 34.31 -6.13 -20.30
N LEU A 19 34.78 -5.11 -21.01
CA LEU A 19 35.64 -4.08 -20.42
C LEU A 19 34.90 -3.32 -19.33
N ARG A 20 33.64 -3.00 -19.59
CA ARG A 20 32.73 -2.21 -18.77
C ARG A 20 32.09 -2.98 -17.58
N TYR A 21 32.63 -4.12 -17.19
CA TYR A 21 31.98 -4.99 -16.22
C TYR A 21 32.38 -4.59 -14.80
N TYR A 22 31.41 -4.16 -14.01
CA TYR A 22 31.56 -4.02 -12.56
C TYR A 22 30.80 -5.19 -11.92
N GLY A 23 31.48 -5.98 -11.12
CA GLY A 23 30.82 -7.07 -10.42
C GLY A 23 31.77 -7.95 -9.64
N CYS A 24 31.18 -9.00 -9.05
CA CYS A 24 31.86 -10.00 -8.22
C CYS A 24 32.14 -11.32 -8.94
N GLY A 25 31.70 -11.45 -10.18
CA GLY A 25 31.91 -12.68 -10.93
C GLY A 25 30.58 -13.33 -11.25
N LEU A 26 30.54 -14.27 -12.19
CA LEU A 26 29.29 -14.96 -12.53
C LEU A 26 28.80 -15.81 -11.35
N VAL A 27 27.61 -15.49 -10.83
CA VAL A 27 26.90 -16.41 -9.93
C VAL A 27 25.73 -17.00 -10.69
N ILE A 28 25.89 -18.26 -11.06
CA ILE A 28 25.16 -18.84 -12.18
C ILE A 28 24.92 -20.30 -11.80
N PRO A 29 23.68 -20.81 -11.89
CA PRO A 29 23.43 -22.22 -11.54
C PRO A 29 23.64 -23.15 -12.72
N GLU A 30 23.35 -24.45 -12.52
CA GLU A 30 23.56 -25.49 -13.52
C GLU A 30 22.29 -25.74 -14.37
N HIS A 31 22.49 -26.36 -15.54
CA HIS A 31 21.43 -26.82 -16.44
C HIS A 31 20.57 -25.66 -16.95
N LEU A 32 21.17 -24.87 -17.86
CA LEU A 32 20.57 -23.62 -18.28
C LEU A 32 19.86 -23.71 -19.62
N GLU A 33 20.09 -24.78 -20.39
CA GLU A 33 19.59 -24.89 -21.76
C GLU A 33 18.08 -24.71 -21.80
N ASN A 34 17.60 -23.92 -22.77
CA ASN A 34 16.21 -23.61 -23.08
C ASN A 34 15.51 -22.74 -22.03
N CYS A 35 16.18 -22.39 -20.93
CA CYS A 35 15.55 -21.63 -19.85
C CYS A 35 15.35 -20.17 -20.19
N TRP A 36 14.38 -19.60 -19.49
CA TRP A 36 14.18 -18.17 -19.33
C TRP A 36 14.82 -17.75 -18.02
N ILE A 37 15.78 -16.84 -18.12
CA ILE A 37 16.62 -16.41 -17.02
C ILE A 37 16.48 -14.89 -16.92
N LEU A 38 16.10 -14.42 -15.76
CA LEU A 38 16.13 -12.99 -15.44
C LEU A 38 17.43 -12.64 -14.72
N ASP A 39 18.14 -11.64 -15.27
CA ASP A 39 19.38 -11.11 -14.67
C ASP A 39 19.07 -9.78 -14.00
N LEU A 40 18.93 -9.80 -12.69
CA LEU A 40 18.76 -8.58 -11.89
C LEU A 40 20.05 -7.78 -11.92
N GLY A 41 19.98 -6.54 -12.41
CA GLY A 41 21.19 -5.75 -12.48
C GLY A 41 22.08 -6.11 -13.66
N SER A 42 21.53 -6.03 -14.86
CA SER A 42 22.23 -6.45 -16.07
C SER A 42 23.44 -5.58 -16.43
N GLY A 43 23.63 -4.43 -15.77
CA GLY A 43 24.72 -3.53 -16.12
C GLY A 43 24.80 -3.26 -17.61
N SER A 44 26.04 -3.22 -18.12
CA SER A 44 26.31 -2.93 -19.51
C SER A 44 26.13 -4.15 -20.42
N GLY A 45 25.95 -5.35 -19.87
CA GLY A 45 25.49 -6.47 -20.67
C GLY A 45 26.25 -7.79 -20.62
N ARG A 46 27.36 -7.87 -19.89
CA ARG A 46 28.25 -9.03 -20.03
C ARG A 46 27.56 -10.33 -19.64
N ASP A 47 27.11 -10.43 -18.38
CA ASP A 47 26.45 -11.65 -17.93
C ASP A 47 25.32 -12.07 -18.87
N CYS A 48 24.52 -11.12 -19.36
CA CYS A 48 23.44 -11.55 -20.23
C CYS A 48 23.98 -12.12 -21.54
N TYR A 49 25.12 -11.63 -22.00
CA TYR A 49 25.61 -12.15 -23.27
C TYR A 49 26.27 -13.50 -23.07
N VAL A 50 26.76 -13.74 -21.86
CA VAL A 50 27.17 -15.09 -21.46
C VAL A 50 25.96 -16.02 -21.45
N LEU A 51 24.90 -15.61 -20.75
CA LEU A 51 23.73 -16.47 -20.60
C LEU A 51 23.06 -16.73 -21.94
N SER A 52 23.11 -15.76 -22.86
CA SER A 52 22.49 -15.92 -24.17
C SER A 52 22.97 -17.21 -24.84
N GLN A 53 24.28 -17.47 -24.76
CA GLN A 53 24.86 -18.68 -25.30
C GLN A 53 24.51 -19.87 -24.44
N LEU A 54 24.53 -19.69 -23.12
CA LEU A 54 24.35 -20.84 -22.25
C LEU A 54 22.91 -21.41 -22.33
N VAL A 55 21.93 -20.57 -22.61
CA VAL A 55 20.55 -21.05 -22.73
C VAL A 55 20.21 -21.39 -24.17
N GLY A 56 20.97 -20.87 -25.13
CA GLY A 56 20.66 -21.11 -26.52
C GLY A 56 19.35 -20.48 -26.98
N GLU A 57 19.07 -20.69 -28.26
CA GLU A 57 18.07 -19.89 -28.94
C GLU A 57 16.65 -20.23 -28.50
N LYS A 58 16.40 -21.46 -28.06
CA LYS A 58 15.13 -21.80 -27.43
C LYS A 58 14.92 -21.10 -26.09
N GLY A 59 15.98 -20.55 -25.50
CA GLY A 59 15.90 -19.93 -24.19
C GLY A 59 15.77 -18.43 -24.32
N HIS A 60 15.72 -17.77 -23.18
CA HIS A 60 15.70 -16.32 -23.22
C HIS A 60 16.39 -15.74 -22.00
N VAL A 61 17.04 -14.61 -22.21
CA VAL A 61 17.65 -13.84 -21.15
C VAL A 61 17.01 -12.46 -21.14
N THR A 62 16.47 -12.07 -20.00
CA THR A 62 16.02 -10.72 -19.74
C THR A 62 17.00 -10.11 -18.73
N GLY A 63 17.48 -8.94 -19.04
CA GLY A 63 18.29 -8.16 -18.12
C GLY A 63 17.58 -6.87 -17.79
N ILE A 64 17.72 -6.47 -16.55
CA ILE A 64 17.04 -5.29 -16.02
C ILE A 64 18.07 -4.50 -15.26
N ASP A 65 18.17 -3.22 -15.58
CA ASP A 65 19.13 -2.35 -14.92
C ASP A 65 18.47 -1.03 -14.58
N MET A 66 18.87 -0.45 -13.46
CA MET A 66 18.21 0.81 -13.10
C MET A 66 18.78 2.00 -13.84
N THR A 67 19.84 1.83 -14.61
CA THR A 67 20.54 2.93 -15.24
C THR A 67 20.34 2.90 -16.75
N LYS A 68 19.52 3.83 -17.25
CA LYS A 68 19.15 3.85 -18.67
C LYS A 68 20.38 3.78 -19.57
N GLY A 69 21.48 4.45 -19.18
CA GLY A 69 22.66 4.47 -20.03
C GLY A 69 23.29 3.10 -20.20
N GLN A 70 23.40 2.34 -19.10
CA GLN A 70 23.78 0.93 -19.17
C GLN A 70 22.90 0.16 -20.14
N VAL A 71 21.59 0.35 -20.08
CA VAL A 71 20.72 -0.41 -20.96
C VAL A 71 21.00 -0.03 -22.41
N GLU A 72 21.24 1.25 -22.66
CA GLU A 72 21.53 1.69 -24.02
C GLU A 72 22.80 1.05 -24.55
N VAL A 73 23.86 1.03 -23.72
CA VAL A 73 25.13 0.39 -24.13
C VAL A 73 24.92 -1.09 -24.43
N ALA A 74 24.31 -1.81 -23.48
CA ALA A 74 24.05 -3.23 -23.67
C ALA A 74 23.32 -3.49 -24.99
N GLU A 75 22.27 -2.72 -25.26
CA GLU A 75 21.48 -2.91 -26.48
C GLU A 75 22.26 -2.56 -27.74
N LYS A 76 23.29 -1.72 -27.60
CA LYS A 76 24.15 -1.43 -28.75
C LYS A 76 24.72 -2.71 -29.35
N TYR A 77 24.95 -3.74 -28.51
CA TYR A 77 25.70 -4.92 -28.91
C TYR A 77 24.83 -6.15 -29.17
N LEU A 78 23.50 -5.97 -29.17
CA LEU A 78 22.59 -7.09 -29.43
C LEU A 78 22.92 -7.77 -30.75
N ASP A 79 22.94 -7.00 -31.83
CA ASP A 79 23.15 -7.62 -33.13
C ASP A 79 24.54 -8.23 -33.22
N TYR A 80 25.58 -7.54 -32.73
CA TYR A 80 26.90 -8.15 -32.74
C TYR A 80 26.85 -9.56 -32.16
N HIS A 81 26.31 -9.69 -30.95
CA HIS A 81 26.37 -10.99 -30.28
C HIS A 81 25.39 -11.99 -30.91
N MET A 82 24.24 -11.54 -31.39
CA MET A 82 23.33 -12.48 -32.06
C MET A 82 23.93 -13.01 -33.35
N GLU A 83 24.67 -12.18 -34.10
CA GLU A 83 25.41 -12.68 -35.27
C GLU A 83 26.48 -13.69 -34.84
N LYS A 84 27.40 -13.25 -33.95
CA LYS A 84 28.49 -14.13 -33.51
C LYS A 84 27.98 -15.48 -33.04
N TYR A 85 26.80 -15.52 -32.42
CA TYR A 85 26.29 -16.75 -31.86
C TYR A 85 25.52 -17.55 -32.89
N GLY A 86 25.36 -17.03 -34.11
CA GLY A 86 24.58 -17.71 -35.13
C GLY A 86 23.10 -17.85 -34.83
N PHE A 87 22.52 -16.91 -34.08
CA PHE A 87 21.11 -16.99 -33.70
C PHE A 87 20.25 -16.29 -34.74
N GLN A 88 19.13 -16.92 -35.11
CA GLN A 88 18.23 -16.34 -36.09
C GLN A 88 17.62 -15.03 -35.59
N ALA A 89 17.09 -15.02 -34.37
CA ALA A 89 16.62 -13.80 -33.71
C ALA A 89 17.27 -13.64 -32.34
N SER A 90 17.12 -12.46 -31.76
CA SER A 90 17.70 -12.21 -30.44
C SER A 90 16.98 -13.01 -29.38
N ASN A 91 17.76 -13.56 -28.44
CA ASN A 91 17.17 -14.17 -27.25
C ASN A 91 17.44 -13.35 -25.99
N VAL A 92 17.88 -12.09 -26.12
CA VAL A 92 18.00 -11.27 -24.92
C VAL A 92 17.22 -9.98 -25.11
N THR A 93 16.56 -9.57 -24.04
CA THR A 93 15.88 -8.30 -23.94
C THR A 93 16.45 -7.58 -22.74
N PHE A 94 16.70 -6.29 -22.92
CA PHE A 94 17.19 -5.45 -21.86
C PHE A 94 16.11 -4.45 -21.51
N ILE A 95 15.90 -4.27 -20.23
CA ILE A 95 14.87 -3.41 -19.69
C ILE A 95 15.51 -2.40 -18.75
N HIS A 96 15.08 -1.15 -18.86
CA HIS A 96 15.41 -0.16 -17.86
C HIS A 96 14.29 -0.17 -16.82
N GLY A 97 14.64 -0.55 -15.59
CA GLY A 97 13.65 -0.71 -14.54
C GLY A 97 14.34 -0.92 -13.21
N TYR A 98 13.58 -0.78 -12.12
CA TYR A 98 14.12 -0.93 -10.78
C TYR A 98 13.72 -2.31 -10.27
N ILE A 99 14.67 -2.99 -9.63
CA ILE A 99 14.48 -4.42 -9.44
C ILE A 99 13.39 -4.68 -8.42
N GLU A 100 13.20 -3.78 -7.45
CA GLU A 100 12.06 -4.03 -6.57
C GLU A 100 10.74 -3.72 -7.23
N LYS A 101 10.69 -3.33 -8.52
CA LYS A 101 9.42 -3.10 -9.21
C LYS A 101 9.39 -3.84 -10.56
N LEU A 102 9.62 -5.15 -10.51
CA LEU A 102 9.65 -5.93 -11.74
C LEU A 102 8.32 -5.88 -12.49
N GLY A 103 7.22 -5.70 -11.76
CA GLY A 103 5.93 -5.56 -12.43
C GLY A 103 5.90 -4.35 -13.34
N GLU A 104 6.27 -3.19 -12.79
CA GLU A 104 6.36 -2.00 -13.63
C GLU A 104 7.37 -2.19 -14.75
N ALA A 105 8.37 -3.07 -14.55
CA ALA A 105 9.28 -3.36 -15.64
C ALA A 105 8.60 -4.06 -16.81
N GLY A 106 7.45 -4.67 -16.59
CA GLY A 106 6.78 -5.45 -17.61
C GLY A 106 7.04 -6.94 -17.58
N ILE A 107 7.67 -7.42 -16.51
CA ILE A 107 7.97 -8.87 -16.37
C ILE A 107 6.72 -9.57 -15.80
N LYS A 108 6.16 -10.51 -16.55
CA LYS A 108 4.90 -11.18 -16.15
C LYS A 108 5.12 -12.20 -15.03
N ASN A 109 4.04 -12.58 -14.34
CA ASN A 109 4.14 -13.61 -13.27
C ASN A 109 4.48 -14.96 -13.90
N GLU A 110 5.28 -15.78 -13.22
CA GLU A 110 5.60 -17.15 -13.70
C GLU A 110 6.10 -17.12 -15.15
N SER A 111 7.08 -16.25 -15.43
CA SER A 111 7.58 -16.11 -16.83
C SER A 111 9.03 -16.58 -16.94
N HIS A 112 9.74 -16.74 -15.81
CA HIS A 112 11.14 -17.09 -15.88
C HIS A 112 11.44 -18.30 -14.99
N ASP A 113 12.23 -19.22 -15.55
CA ASP A 113 12.67 -20.40 -14.81
C ASP A 113 13.70 -20.05 -13.74
N ILE A 114 14.52 -19.02 -13.96
CA ILE A 114 15.62 -18.73 -13.03
C ILE A 114 15.82 -17.22 -12.88
N VAL A 115 16.19 -16.80 -11.67
CA VAL A 115 16.55 -15.40 -11.37
C VAL A 115 17.96 -15.40 -10.76
N VAL A 116 18.88 -14.66 -11.38
CA VAL A 116 20.23 -14.47 -10.85
C VAL A 116 20.48 -12.96 -10.71
N SER A 117 21.59 -12.58 -10.07
CA SER A 117 21.75 -11.15 -9.85
C SER A 117 23.23 -10.75 -9.84
N ASN A 118 23.46 -9.48 -10.14
CA ASN A 118 24.75 -8.83 -9.93
C ASN A 118 24.84 -8.42 -8.47
N CYS A 119 26.06 -8.48 -7.91
CA CYS A 119 26.17 -8.25 -6.47
C CYS A 119 25.88 -6.80 -6.06
N VAL A 120 25.82 -5.85 -7.01
CA VAL A 120 25.31 -4.51 -6.69
C VAL A 120 23.91 -4.59 -6.09
N ILE A 121 23.14 -5.62 -6.45
CA ILE A 121 21.78 -5.84 -5.98
C ILE A 121 21.73 -6.08 -4.48
N ASN A 122 22.81 -6.60 -3.91
CA ASN A 122 22.89 -6.77 -2.47
C ASN A 122 22.94 -5.44 -1.73
N LEU A 123 22.93 -4.33 -2.48
CA LEU A 123 22.95 -2.98 -1.94
C LEU A 123 21.61 -2.26 -2.11
N VAL A 124 20.51 -3.02 -2.04
CA VAL A 124 19.17 -2.42 -1.85
C VAL A 124 19.03 -2.17 -0.36
N PRO A 125 18.14 -1.28 0.06
CA PRO A 125 17.72 -1.31 1.47
C PRO A 125 16.73 -2.44 1.73
N ASP A 126 15.88 -2.78 0.76
CA ASP A 126 14.75 -3.68 0.99
C ASP A 126 14.98 -5.00 0.26
N LYS A 127 15.50 -5.99 0.98
CA LYS A 127 15.71 -7.32 0.40
C LYS A 127 14.39 -8.07 0.23
N GLN A 128 13.51 -8.04 1.23
CA GLN A 128 12.22 -8.73 1.15
C GLN A 128 11.42 -8.39 -0.11
N GLN A 129 11.40 -7.11 -0.50
CA GLN A 129 10.60 -6.73 -1.67
C GLN A 129 11.17 -7.32 -2.93
N VAL A 130 12.52 -7.40 -2.99
CA VAL A 130 13.22 -8.04 -4.09
C VAL A 130 12.88 -9.52 -4.15
N LEU A 131 12.83 -10.18 -2.99
CA LEU A 131 12.49 -11.60 -2.96
C LEU A 131 11.06 -11.84 -3.37
N GLN A 132 10.14 -10.94 -2.98
CA GLN A 132 8.75 -11.08 -3.40
C GLN A 132 8.63 -10.95 -4.90
N GLU A 133 9.38 -10.03 -5.51
CA GLU A 133 9.29 -9.90 -6.96
C GLU A 133 9.94 -11.10 -7.64
N ALA A 134 11.01 -11.63 -7.05
CA ALA A 134 11.62 -12.81 -7.64
C ALA A 134 10.70 -14.00 -7.53
N TYR A 135 10.04 -14.18 -6.39
CA TYR A 135 9.06 -15.27 -6.24
C TYR A 135 7.97 -15.12 -7.30
N ARG A 136 7.44 -13.91 -7.47
CA ARG A 136 6.30 -13.70 -8.40
C ARG A 136 6.67 -14.02 -9.85
N VAL A 137 7.85 -13.60 -10.32
CA VAL A 137 8.20 -13.78 -11.75
C VAL A 137 8.70 -15.20 -12.02
N LEU A 138 9.06 -15.93 -10.96
CA LEU A 138 9.55 -17.29 -11.10
C LEU A 138 8.42 -18.29 -11.44
N LYS A 139 8.65 -19.13 -12.46
CA LYS A 139 7.76 -20.26 -12.73
C LYS A 139 7.76 -21.27 -11.57
N HIS A 140 6.76 -22.13 -11.56
CA HIS A 140 6.76 -23.28 -10.64
C HIS A 140 7.99 -24.13 -10.88
N GLY A 141 8.67 -24.50 -9.80
CA GLY A 141 9.92 -25.25 -9.87
C GLY A 141 11.16 -24.45 -10.21
N GLY A 142 11.04 -23.11 -10.37
CA GLY A 142 12.17 -22.28 -10.69
C GLY A 142 12.96 -21.91 -9.47
N GLU A 143 14.12 -21.28 -9.70
CA GLU A 143 14.97 -20.93 -8.57
C GLU A 143 15.50 -19.51 -8.67
N LEU A 144 15.54 -18.86 -7.51
CA LEU A 144 16.36 -17.69 -7.25
C LEU A 144 17.73 -18.20 -6.82
N TYR A 145 18.77 -17.81 -7.54
CA TYR A 145 20.10 -18.35 -7.30
C TYR A 145 21.06 -17.19 -7.18
N PHE A 146 21.59 -16.94 -5.98
CA PHE A 146 22.21 -15.64 -5.75
C PHE A 146 23.15 -15.64 -4.54
N SER A 147 24.15 -14.74 -4.62
CA SER A 147 25.16 -14.52 -3.58
C SER A 147 24.95 -13.17 -2.90
N ASP A 148 25.16 -13.15 -1.58
CA ASP A 148 24.92 -11.93 -0.83
C ASP A 148 25.70 -12.01 0.48
N VAL A 149 25.63 -10.94 1.27
CA VAL A 149 26.35 -10.82 2.52
C VAL A 149 25.37 -10.98 3.67
N TYR A 150 25.75 -11.78 4.65
CA TYR A 150 24.98 -12.04 5.84
C TYR A 150 25.89 -11.82 7.03
N THR A 151 25.27 -11.66 8.20
CA THR A 151 25.95 -11.35 9.45
C THR A 151 25.75 -12.46 10.45
N SER A 152 26.72 -12.57 11.36
CA SER A 152 26.65 -13.63 12.35
C SER A 152 25.71 -13.28 13.48
N LEU A 153 25.44 -12.00 13.70
CA LEU A 153 24.60 -11.55 14.81
C LEU A 153 23.61 -10.52 14.28
N GLU A 154 22.52 -10.32 15.00
CA GLU A 154 21.51 -9.36 14.57
C GLU A 154 21.98 -7.97 14.95
N LEU A 155 22.44 -7.20 13.97
CA LEU A 155 22.95 -5.89 14.30
C LEU A 155 21.79 -4.94 14.62
N PRO A 156 21.95 -4.03 15.58
CA PRO A 156 20.92 -3.01 15.81
C PRO A 156 20.79 -2.10 14.60
N GLU A 157 19.63 -1.44 14.57
CA GLU A 157 19.32 -0.52 13.48
C GLU A 157 20.33 0.60 13.39
N GLU A 158 20.75 1.15 14.55
CA GLU A 158 21.71 2.24 14.51
C GLU A 158 23.03 1.79 13.88
N ILE A 159 23.40 0.51 13.99
CA ILE A 159 24.65 0.10 13.36
C ILE A 159 24.46 -0.16 11.87
N ARG A 160 23.30 -0.68 11.47
CA ARG A 160 23.02 -0.84 10.04
C ARG A 160 22.82 0.50 9.34
N THR A 161 22.42 1.52 10.07
CA THR A 161 22.32 2.83 9.45
C THR A 161 23.67 3.56 9.44
N HIS A 162 24.74 2.92 9.90
CA HIS A 162 26.01 3.60 10.07
C HIS A 162 26.71 3.81 8.74
N LYS A 163 27.23 5.03 8.59
CA LYS A 163 27.86 5.43 7.32
C LYS A 163 29.16 4.67 7.05
N VAL A 164 29.82 4.16 8.08
CA VAL A 164 30.98 3.29 7.87
C VAL A 164 30.53 1.97 7.23
N LEU A 165 29.54 1.32 7.87
CA LEU A 165 29.01 0.07 7.35
C LEU A 165 28.59 0.21 5.89
N TRP A 166 27.75 1.20 5.61
CA TRP A 166 27.36 1.44 4.22
C TRP A 166 28.54 1.80 3.34
N GLY A 167 29.63 2.30 3.93
CA GLY A 167 30.82 2.62 3.15
C GLY A 167 31.56 1.39 2.67
N GLU A 168 31.40 0.26 3.36
CA GLU A 168 32.06 -0.97 2.96
C GLU A 168 31.16 -1.89 2.15
N CYS A 169 30.01 -1.40 1.68
CA CYS A 169 29.01 -2.20 0.97
C CYS A 169 28.38 -3.28 1.83
N LEU A 170 28.66 -3.28 3.13
CA LEU A 170 27.99 -4.16 4.07
C LEU A 170 26.67 -3.59 4.55
N GLY A 171 26.17 -2.54 3.91
CA GLY A 171 24.84 -2.07 4.20
C GLY A 171 23.80 -3.01 3.61
N GLY A 172 22.71 -3.19 4.35
CA GLY A 172 21.65 -4.09 3.90
C GLY A 172 21.87 -5.56 4.18
N ALA A 173 23.01 -5.95 4.74
CA ALA A 173 23.27 -7.33 5.07
C ALA A 173 22.23 -7.85 6.05
N LEU A 174 21.71 -9.06 5.79
CA LEU A 174 20.78 -9.71 6.71
C LEU A 174 21.53 -10.54 7.74
N TYR A 175 20.96 -10.62 8.93
CA TYR A 175 21.29 -11.70 9.84
C TYR A 175 20.91 -13.00 9.16
N TRP A 176 21.80 -13.98 9.18
CA TRP A 176 21.64 -15.11 8.26
C TRP A 176 20.35 -15.90 8.54
N LYS A 177 19.99 -16.06 9.82
CA LYS A 177 18.72 -16.71 10.16
C LYS A 177 17.51 -16.01 9.55
N GLU A 178 17.66 -14.74 9.16
CA GLU A 178 16.54 -14.02 8.56
C GLU A 178 16.17 -14.56 7.18
N LEU A 179 17.15 -15.06 6.41
CA LEU A 179 16.84 -15.50 5.04
C LEU A 179 15.74 -16.54 5.04
N ALA A 180 15.88 -17.56 5.89
CA ALA A 180 14.86 -18.61 5.91
C ALA A 180 13.50 -18.06 6.30
N VAL A 181 13.45 -17.16 7.29
CA VAL A 181 12.18 -16.53 7.69
C VAL A 181 11.49 -15.88 6.48
N LEU A 182 12.26 -15.09 5.73
CA LEU A 182 11.67 -14.43 4.57
C LEU A 182 11.14 -15.45 3.57
N ALA A 183 11.90 -16.52 3.33
CA ALA A 183 11.44 -17.53 2.39
C ALA A 183 10.16 -18.18 2.89
N GLN A 184 10.11 -18.47 4.19
CA GLN A 184 8.93 -19.08 4.77
C GLN A 184 7.71 -18.19 4.51
N LYS A 185 7.86 -16.90 4.73
CA LYS A 185 6.70 -16.03 4.61
C LYS A 185 6.40 -15.69 3.17
N ILE A 186 7.37 -15.78 2.27
CA ILE A 186 7.11 -15.36 0.89
C ILE A 186 6.56 -16.53 0.06
N GLY A 187 6.98 -17.76 0.36
CA GLY A 187 6.56 -18.91 -0.42
C GLY A 187 7.71 -19.74 -0.96
N PHE A 188 8.95 -19.39 -0.63
CA PHE A 188 10.07 -20.21 -1.05
C PHE A 188 10.22 -21.41 -0.11
N CYS A 189 10.78 -22.50 -0.67
CA CYS A 189 11.30 -23.62 0.11
C CYS A 189 12.42 -23.09 0.97
N PRO A 190 12.89 -23.84 1.95
CA PRO A 190 14.04 -23.38 2.75
C PRO A 190 15.27 -23.15 1.88
N PRO A 191 16.02 -22.09 2.17
CA PRO A 191 17.23 -21.78 1.38
C PRO A 191 18.21 -22.93 1.40
N ARG A 192 18.69 -23.30 0.21
CA ARG A 192 19.79 -24.24 0.07
C ARG A 192 21.08 -23.44 0.12
N LEU A 193 21.81 -23.60 1.21
CA LEU A 193 23.17 -23.06 1.29
C LEU A 193 24.08 -23.84 0.34
N VAL A 194 24.77 -23.13 -0.55
CA VAL A 194 25.67 -23.81 -1.49
C VAL A 194 27.10 -23.57 -1.03
N THR A 195 27.50 -22.30 -0.87
CA THR A 195 28.87 -21.96 -0.50
C THR A 195 28.91 -20.66 0.32
N ALA A 196 30.01 -20.46 1.02
CA ALA A 196 30.15 -19.42 2.02
C ALA A 196 31.63 -19.12 2.23
N ASN A 197 32.00 -17.85 2.21
CA ASN A 197 33.35 -17.41 2.51
C ASN A 197 33.28 -16.24 3.48
N LEU A 198 34.02 -16.34 4.59
CA LEU A 198 34.08 -15.22 5.54
C LEU A 198 34.66 -14.01 4.86
N ILE A 199 34.15 -12.84 5.23
CA ILE A 199 34.67 -11.56 4.80
C ILE A 199 35.59 -11.04 5.90
N THR A 200 36.80 -10.66 5.54
CA THR A 200 37.71 -10.04 6.48
C THR A 200 37.46 -8.54 6.47
N ILE A 201 37.54 -7.93 7.64
CA ILE A 201 37.28 -6.50 7.79
C ILE A 201 38.63 -5.83 8.00
N GLN A 202 39.11 -5.11 7.02
CA GLN A 202 40.35 -4.36 7.19
C GLN A 202 40.09 -2.88 7.47
N ASN A 203 38.88 -2.54 7.85
CA ASN A 203 38.55 -1.20 8.32
C ASN A 203 38.63 -1.14 9.84
N LYS A 204 39.37 -0.16 10.38
CA LYS A 204 39.58 -0.07 11.83
C LYS A 204 38.32 0.39 12.56
N GLU A 205 37.74 1.50 12.07
CA GLU A 205 36.52 2.01 12.70
C GLU A 205 35.40 0.97 12.66
N LEU A 206 35.25 0.28 11.52
CA LEU A 206 34.26 -0.77 11.43
C LEU A 206 34.54 -1.89 12.44
N GLU A 207 35.80 -2.28 12.57
CA GLU A 207 36.21 -3.22 13.63
C GLU A 207 35.62 -2.80 14.97
N ARG A 208 35.68 -1.51 15.30
CA ARG A 208 35.09 -1.06 16.55
C ARG A 208 33.57 -1.20 16.54
N VAL A 209 32.93 -0.76 15.43
CA VAL A 209 31.48 -0.57 15.47
C VAL A 209 30.73 -1.90 15.52
N ILE A 210 31.21 -2.92 14.80
CA ILE A 210 30.41 -4.14 14.72
C ILE A 210 30.66 -5.05 15.91
N GLY A 211 31.86 -5.06 16.46
CA GLY A 211 32.09 -5.77 17.70
C GLY A 211 32.52 -7.22 17.45
N ASP A 212 31.73 -8.16 17.96
CA ASP A 212 31.99 -9.57 17.72
C ASP A 212 31.27 -10.11 16.50
N CYS A 213 30.47 -9.27 15.82
CA CYS A 213 29.75 -9.69 14.63
C CYS A 213 30.70 -9.93 13.47
N ARG A 214 30.43 -10.98 12.70
CA ARG A 214 31.20 -11.29 11.51
C ARG A 214 30.29 -11.26 10.28
N PHE A 215 30.93 -11.27 9.13
CA PHE A 215 30.23 -11.15 7.86
C PHE A 215 30.66 -12.27 6.94
N VAL A 216 29.72 -12.77 6.15
CA VAL A 216 29.98 -13.86 5.25
C VAL A 216 29.31 -13.59 3.90
N SER A 217 30.01 -13.99 2.84
CA SER A 217 29.48 -13.97 1.47
C SER A 217 29.04 -15.40 1.20
N ALA A 218 27.78 -15.56 0.81
CA ALA A 218 27.22 -16.90 0.75
C ALA A 218 26.19 -16.96 -0.37
N THR A 219 26.09 -18.14 -0.97
CA THR A 219 25.24 -18.39 -2.13
C THR A 219 24.09 -19.30 -1.73
N PHE A 220 22.85 -18.89 -2.05
CA PHE A 220 21.71 -19.75 -1.76
C PHE A 220 20.84 -19.94 -2.99
N ARG A 221 20.28 -21.14 -3.05
CA ARG A 221 19.22 -21.46 -4.00
C ARG A 221 17.91 -21.41 -3.24
N LEU A 222 16.96 -20.64 -3.76
CA LEU A 222 15.60 -20.52 -3.23
C LEU A 222 14.67 -21.05 -4.30
N PHE A 223 13.97 -22.14 -4.00
CA PHE A 223 13.07 -22.72 -4.98
C PHE A 223 11.62 -22.36 -4.70
N LYS A 224 10.88 -22.25 -5.78
CA LYS A 224 9.46 -21.95 -5.72
C LYS A 224 8.71 -23.18 -6.23
N HIS A 225 7.97 -23.85 -5.35
CA HIS A 225 7.04 -24.86 -5.84
C HIS A 225 5.94 -25.10 -4.81
N SER A 226 4.93 -25.86 -5.26
CA SER A 226 3.66 -26.04 -4.56
C SER A 226 3.45 -27.51 -4.23
N LYS A 227 2.68 -27.78 -3.18
CA LYS A 227 2.51 -29.13 -2.63
C LYS A 227 1.19 -29.73 -3.14
N THR A 228 1.28 -30.32 -4.34
CA THR A 228 0.16 -30.91 -5.04
C THR A 228 -0.27 -32.26 -4.46
N GLY A 229 0.44 -32.78 -3.48
CA GLY A 229 0.20 -34.12 -2.99
C GLY A 229 1.24 -34.50 -1.96
N PRO A 230 1.04 -35.63 -1.31
CA PRO A 230 2.02 -36.08 -0.32
C PRO A 230 3.33 -36.42 -1.01
N THR A 231 4.41 -36.20 -0.29
CA THR A 231 5.76 -36.52 -0.75
C THR A 231 6.35 -37.52 0.22
N LYS A 232 6.94 -38.59 -0.29
CA LYS A 232 7.69 -39.46 0.58
C LYS A 232 9.18 -39.15 0.46
N ARG A 233 9.98 -39.69 1.37
CA ARG A 233 11.39 -39.64 1.07
C ARG A 233 11.68 -40.55 -0.13
N CYS A 234 12.69 -40.17 -0.91
CA CYS A 234 12.93 -40.73 -2.24
C CYS A 234 14.39 -41.11 -2.39
N GLN A 235 14.67 -41.90 -3.41
CA GLN A 235 16.03 -42.08 -3.88
C GLN A 235 16.14 -41.46 -5.26
N VAL A 236 17.33 -40.93 -5.53
CA VAL A 236 17.63 -40.25 -6.78
C VAL A 236 18.96 -40.76 -7.29
N ILE A 237 19.06 -40.89 -8.60
CA ILE A 237 20.30 -41.21 -9.30
C ILE A 237 20.53 -40.15 -10.36
N TYR A 238 21.67 -39.47 -10.28
CA TYR A 238 22.06 -38.48 -11.28
C TYR A 238 22.50 -39.21 -12.55
N ASN A 239 21.79 -38.96 -13.66
CA ASN A 239 22.09 -39.56 -14.97
C ASN A 239 23.34 -38.98 -15.64
N GLY A 240 23.96 -37.95 -15.05
CA GLY A 240 25.28 -37.55 -15.50
C GLY A 240 25.36 -36.76 -16.78
N GLY A 241 24.31 -36.07 -17.19
CA GLY A 241 24.49 -35.27 -18.40
C GLY A 241 24.15 -33.79 -18.32
N ILE A 242 24.44 -33.13 -17.21
CA ILE A 242 24.36 -31.67 -17.15
C ILE A 242 25.68 -31.10 -17.67
N THR A 243 25.61 -30.23 -18.69
CA THR A 243 26.81 -29.58 -19.23
C THR A 243 27.74 -29.06 -18.14
N GLY A 244 29.00 -29.51 -18.20
CA GLY A 244 30.02 -29.17 -17.24
C GLY A 244 29.89 -29.82 -15.87
N HIS A 245 28.89 -30.66 -15.63
CA HIS A 245 28.88 -31.38 -14.37
C HIS A 245 28.51 -32.84 -14.58
N GLU A 246 29.05 -33.43 -15.67
CA GLU A 246 28.75 -34.82 -16.03
C GLU A 246 29.05 -35.80 -14.89
N LYS A 247 30.24 -35.73 -14.31
CA LYS A 247 30.61 -36.75 -13.33
C LYS A 247 29.81 -36.59 -12.04
N GLU A 248 29.52 -35.37 -11.64
CA GLU A 248 28.78 -35.21 -10.40
C GLU A 248 28.21 -33.81 -10.36
N LEU A 249 27.11 -33.68 -9.63
CA LEU A 249 26.36 -32.44 -9.50
C LEU A 249 26.43 -32.02 -8.04
N MET A 250 27.16 -30.96 -7.73
CA MET A 250 27.17 -30.46 -6.36
C MET A 250 25.95 -29.56 -6.21
N PHE A 251 24.84 -30.12 -5.69
CA PHE A 251 23.61 -29.35 -5.65
C PHE A 251 23.65 -28.30 -4.55
N ASP A 252 23.96 -28.72 -3.32
CA ASP A 252 24.25 -27.77 -2.26
C ASP A 252 25.28 -28.39 -1.33
N ALA A 253 25.48 -27.76 -0.18
CA ALA A 253 26.55 -28.19 0.70
C ALA A 253 26.17 -29.42 1.51
N ASN A 254 24.98 -29.96 1.30
CA ASN A 254 24.58 -31.21 1.92
C ASN A 254 24.49 -32.38 0.95
N PHE A 255 24.45 -32.10 -0.36
CA PHE A 255 24.17 -33.08 -1.39
C PHE A 255 25.09 -32.83 -2.58
N THR A 256 26.09 -33.69 -2.74
CA THR A 256 26.75 -33.87 -4.02
C THR A 256 26.32 -35.23 -4.56
N PHE A 257 25.81 -35.21 -5.80
CA PHE A 257 25.17 -36.34 -6.46
C PHE A 257 26.13 -36.80 -7.54
N LYS A 258 26.91 -37.85 -7.24
CA LYS A 258 27.83 -38.44 -8.20
C LYS A 258 27.08 -39.33 -9.20
N GLU A 259 27.41 -39.18 -10.49
CA GLU A 259 26.77 -39.92 -11.59
C GLU A 259 26.52 -41.38 -11.22
N GLY A 260 25.29 -41.84 -11.39
CA GLY A 260 25.00 -43.24 -11.19
C GLY A 260 24.81 -43.70 -9.76
N GLU A 261 25.32 -42.96 -8.76
CA GLU A 261 25.12 -43.34 -7.36
C GLU A 261 23.66 -43.17 -6.89
N ILE A 262 23.23 -44.07 -6.00
CA ILE A 262 21.86 -44.07 -5.46
C ILE A 262 21.91 -43.30 -4.14
N VAL A 263 21.26 -42.14 -4.08
CA VAL A 263 21.24 -41.32 -2.88
C VAL A 263 19.82 -41.21 -2.36
N GLU A 264 19.64 -41.50 -1.07
CA GLU A 264 18.37 -41.25 -0.41
C GLU A 264 18.28 -39.78 -0.04
N VAL A 265 17.15 -39.16 -0.34
CA VAL A 265 16.95 -37.74 -0.05
C VAL A 265 15.63 -37.54 0.68
N ASP A 266 15.62 -36.51 1.52
CA ASP A 266 14.47 -36.08 2.30
C ASP A 266 13.32 -35.64 1.39
N GLU A 267 12.16 -35.42 2.03
CA GLU A 267 10.95 -35.07 1.29
C GLU A 267 11.11 -33.76 0.53
N GLU A 268 11.71 -32.78 1.19
CA GLU A 268 11.87 -31.47 0.56
C GLU A 268 12.84 -31.53 -0.63
N THR A 269 14.06 -32.03 -0.42
CA THR A 269 15.01 -32.17 -1.52
C THR A 269 14.39 -32.91 -2.69
N ALA A 270 13.60 -33.94 -2.40
CA ALA A 270 12.98 -34.70 -3.47
C ALA A 270 11.93 -33.87 -4.20
N ALA A 271 11.12 -33.11 -3.46
CA ALA A 271 10.16 -32.24 -4.11
C ALA A 271 10.85 -31.26 -5.04
N ILE A 272 11.97 -30.71 -4.58
CA ILE A 272 12.70 -29.74 -5.40
C ILE A 272 13.21 -30.43 -6.67
N LEU A 273 13.83 -31.59 -6.51
CA LEU A 273 14.37 -32.26 -7.70
C LEU A 273 13.25 -32.70 -8.65
N LYS A 274 12.11 -33.17 -8.09
CA LYS A 274 10.95 -33.58 -8.91
C LYS A 274 10.33 -32.41 -9.65
N ASN A 275 10.19 -31.27 -8.99
CA ASN A 275 9.42 -30.17 -9.57
C ASN A 275 10.23 -29.20 -10.39
N SER A 276 11.55 -29.20 -10.23
CA SER A 276 12.43 -28.32 -10.96
C SER A 276 12.77 -28.90 -12.33
N ARG A 277 13.64 -28.18 -13.04
CA ARG A 277 14.23 -28.62 -14.29
C ARG A 277 15.28 -29.70 -14.09
N PHE A 278 15.71 -29.97 -12.86
CA PHE A 278 16.67 -31.04 -12.63
C PHE A 278 16.06 -32.43 -12.77
N ALA A 279 14.74 -32.50 -12.87
CA ALA A 279 14.08 -33.81 -12.89
C ALA A 279 14.50 -34.63 -14.12
N GLN A 280 14.64 -33.96 -15.27
CA GLN A 280 15.18 -34.58 -16.46
C GLN A 280 16.54 -35.25 -16.22
N ASP A 281 17.27 -34.85 -15.19
CA ASP A 281 18.65 -35.24 -14.94
C ASP A 281 18.79 -36.30 -13.87
N PHE A 282 17.70 -36.71 -13.29
CA PHE A 282 17.73 -37.72 -12.24
C PHE A 282 16.69 -38.79 -12.52
N LEU A 283 17.02 -40.02 -12.13
CA LEU A 283 16.02 -41.06 -11.95
C LEU A 283 15.59 -40.92 -10.51
N ILE A 284 14.28 -40.82 -10.28
CA ILE A 284 13.74 -40.59 -8.95
C ILE A 284 12.69 -41.64 -8.64
N ARG A 285 12.95 -42.46 -7.64
CA ARG A 285 12.04 -43.51 -7.21
C ARG A 285 11.69 -43.24 -5.76
N PRO A 286 10.43 -43.37 -5.36
CA PRO A 286 10.09 -43.26 -3.93
C PRO A 286 10.52 -44.52 -3.19
N ILE A 287 11.13 -44.36 -2.01
CA ILE A 287 11.71 -45.53 -1.33
C ILE A 287 10.98 -45.77 0.01
N ASP A 304 23.70 -33.79 10.61
CA ASP A 304 24.82 -33.45 9.72
C ASP A 304 24.45 -32.41 8.64
N ILE A 305 23.22 -31.89 8.67
CA ILE A 305 22.73 -30.95 7.66
C ILE A 305 23.19 -29.53 8.02
N ILE A 306 24.11 -28.98 7.23
CA ILE A 306 24.59 -27.61 7.44
C ILE A 306 23.57 -26.62 6.91
N THR A 307 23.32 -25.55 7.67
CA THR A 307 22.48 -24.43 7.23
C THR A 307 23.17 -23.10 7.48
N ASP A 308 24.02 -23.10 8.49
CA ASP A 308 24.68 -21.96 9.05
C ASP A 308 25.88 -21.63 8.17
N PRO A 309 25.83 -20.52 7.42
CA PRO A 309 26.91 -20.19 6.47
C PRO A 309 28.24 -19.89 7.14
N PHE A 310 28.25 -19.56 8.45
CA PHE A 310 29.52 -19.32 9.12
C PHE A 310 30.21 -20.63 9.50
N LYS A 311 29.45 -21.64 9.95
CA LYS A 311 30.03 -22.98 10.14
C LYS A 311 30.52 -23.54 8.79
N LEU A 312 29.75 -23.35 7.72
CA LEU A 312 30.20 -23.76 6.38
C LEU A 312 31.52 -23.08 6.01
N ALA A 313 31.60 -21.75 6.16
CA ALA A 313 32.82 -21.06 5.74
C ALA A 313 34.01 -21.43 6.62
N GLU A 314 33.79 -21.62 7.92
CA GLU A 314 34.90 -21.93 8.82
C GLU A 314 35.58 -23.24 8.44
N GLU A 315 34.84 -24.19 7.87
CA GLU A 315 35.38 -25.54 7.68
C GLU A 315 36.24 -25.75 6.42
N SER A 316 36.38 -24.78 5.54
CA SER A 316 37.34 -24.91 4.42
C SER A 316 38.79 -25.24 4.85
N PRO B 1 25.16 37.28 -3.12
CA PRO B 1 24.73 38.34 -4.06
C PRO B 1 24.04 37.80 -5.31
N VAL B 2 22.79 38.18 -5.53
CA VAL B 2 22.00 37.63 -6.63
C VAL B 2 22.65 37.96 -7.95
N PRO B 3 23.15 36.96 -8.68
CA PRO B 3 23.73 37.19 -10.01
C PRO B 3 22.80 37.99 -10.91
N LYS B 4 23.38 38.82 -11.77
CA LYS B 4 22.57 39.76 -12.54
C LYS B 4 21.48 39.03 -13.32
N HIS B 5 21.81 37.93 -14.01
CA HIS B 5 20.86 37.33 -14.93
C HIS B 5 19.62 36.83 -14.19
N ILE B 6 19.78 36.46 -12.92
CA ILE B 6 18.61 36.11 -12.13
C ILE B 6 17.82 37.36 -11.78
N ARG B 7 18.51 38.41 -11.32
CA ARG B 7 17.85 39.68 -11.02
C ARG B 7 16.98 40.14 -12.18
N GLU B 8 17.52 40.03 -13.39
CA GLU B 8 16.85 40.53 -14.58
C GLU B 8 15.70 39.63 -14.99
N ALA B 9 15.89 38.31 -14.85
CA ALA B 9 14.78 37.41 -15.10
C ALA B 9 13.61 37.71 -14.15
N LEU B 10 13.92 38.05 -12.88
CA LEU B 10 12.88 38.46 -11.94
C LEU B 10 12.20 39.73 -12.43
N GLN B 11 12.97 40.74 -12.81
CA GLN B 11 12.34 41.98 -13.26
C GLN B 11 11.40 41.76 -14.44
N ASN B 12 11.57 40.67 -15.19
CA ASN B 12 10.82 40.46 -16.41
C ASN B 12 9.58 39.59 -16.26
N VAL B 13 9.15 39.27 -15.03
CA VAL B 13 7.85 38.63 -14.87
C VAL B 13 6.78 39.72 -14.78
N HIS B 14 5.67 39.50 -15.49
CA HIS B 14 4.51 40.40 -15.40
C HIS B 14 4.21 40.79 -13.96
N GLU B 15 4.04 42.08 -13.75
CA GLU B 15 3.96 42.63 -12.39
C GLU B 15 2.82 42.01 -11.61
N GLU B 16 1.74 41.64 -12.28
CA GLU B 16 0.63 40.96 -11.62
C GLU B 16 1.11 39.66 -10.97
N VAL B 17 1.75 38.82 -11.79
CA VAL B 17 2.28 37.55 -11.32
C VAL B 17 3.19 37.77 -10.11
N ALA B 18 4.14 38.71 -10.22
CA ALA B 18 5.08 38.92 -9.14
C ALA B 18 4.38 39.44 -7.90
N LEU B 19 3.26 40.14 -8.10
CA LEU B 19 2.51 40.73 -7.00
C LEU B 19 1.97 39.65 -6.08
N ARG B 20 1.47 38.57 -6.65
CA ARG B 20 0.81 37.43 -6.02
C ARG B 20 1.78 36.39 -5.39
N TYR B 21 3.04 36.75 -5.16
CA TYR B 21 4.06 35.77 -4.76
C TYR B 21 4.06 35.63 -3.24
N TYR B 22 3.75 34.44 -2.75
CA TYR B 22 3.99 34.05 -1.36
C TYR B 22 5.19 33.10 -1.37
N GLY B 23 6.24 33.45 -0.63
CA GLY B 23 7.38 32.56 -0.54
C GLY B 23 8.53 33.16 0.26
N CYS B 24 9.63 32.38 0.30
CA CYS B 24 10.86 32.70 1.01
C CYS B 24 11.99 33.21 0.10
N GLY B 25 11.75 33.26 -1.20
CA GLY B 25 12.77 33.73 -2.13
C GLY B 25 13.19 32.61 -3.06
N LEU B 26 13.84 32.90 -4.18
CA LEU B 26 14.28 31.86 -5.10
C LEU B 26 15.35 30.96 -4.46
N VAL B 27 15.05 29.66 -4.33
CA VAL B 27 16.08 28.68 -4.02
C VAL B 27 16.34 27.86 -5.26
N ILE B 28 17.47 28.13 -5.88
CA ILE B 28 17.67 27.86 -7.30
C ILE B 28 19.15 27.49 -7.45
N PRO B 29 19.48 26.36 -8.09
CA PRO B 29 20.89 25.99 -8.25
C PRO B 29 21.53 26.61 -9.48
N GLU B 30 22.79 26.26 -9.76
CA GLU B 30 23.57 26.81 -10.87
C GLU B 30 23.46 25.94 -12.15
N HIS B 31 23.79 26.56 -13.29
CA HIS B 31 23.89 25.90 -14.61
C HIS B 31 22.55 25.29 -15.04
N LEU B 32 21.63 26.18 -15.43
CA LEU B 32 20.26 25.79 -15.68
C LEU B 32 19.92 25.62 -17.15
N GLU B 33 20.79 26.11 -18.05
CA GLU B 33 20.49 26.14 -19.49
C GLU B 33 20.16 24.75 -20.01
N ASN B 34 19.11 24.68 -20.83
CA ASN B 34 18.58 23.49 -21.50
C ASN B 34 17.92 22.47 -20.57
N CYS B 35 17.94 22.68 -19.25
CA CYS B 35 17.43 21.71 -18.30
C CYS B 35 15.89 21.66 -18.28
N TRP B 36 15.43 20.51 -17.84
CA TRP B 36 14.07 20.27 -17.38
C TRP B 36 14.07 20.39 -15.86
N ILE B 37 13.27 21.32 -15.37
CA ILE B 37 13.21 21.71 -13.97
C ILE B 37 11.76 21.55 -13.53
N LEU B 38 11.56 20.76 -12.49
CA LEU B 38 10.28 20.68 -11.80
C LEU B 38 10.24 21.63 -10.60
N ASP B 39 9.23 22.51 -10.56
CA ASP B 39 9.00 23.45 -9.46
C ASP B 39 7.85 22.93 -8.60
N LEU B 40 8.19 22.31 -7.48
CA LEU B 40 7.19 21.87 -6.51
C LEU B 40 6.55 23.08 -5.85
N GLY B 41 5.23 23.21 -5.97
CA GLY B 41 4.58 24.37 -5.40
C GLY B 41 4.72 25.63 -6.23
N SER B 42 4.29 25.55 -7.50
CA SER B 42 4.46 26.64 -8.44
C SER B 42 3.67 27.92 -8.10
N GLY B 43 2.75 27.86 -7.13
CA GLY B 43 1.91 29.00 -6.82
C GLY B 43 1.29 29.63 -8.04
N SER B 44 1.24 30.96 -8.06
CA SER B 44 0.65 31.73 -9.14
C SER B 44 1.57 31.88 -10.35
N GLY B 45 2.86 31.50 -10.24
CA GLY B 45 3.68 31.36 -11.43
C GLY B 45 5.04 32.04 -11.47
N ARG B 46 5.42 32.81 -10.45
CA ARG B 46 6.58 33.68 -10.58
C ARG B 46 7.87 32.88 -10.82
N ASP B 47 8.23 32.00 -9.88
CA ASP B 47 9.45 31.21 -10.04
C ASP B 47 9.50 30.50 -11.40
N CYS B 48 8.38 29.94 -11.86
CA CYS B 48 8.45 29.26 -13.13
C CYS B 48 8.73 30.23 -14.26
N TYR B 49 8.26 31.47 -14.16
CA TYR B 49 8.50 32.38 -15.26
C TYR B 49 9.93 32.92 -15.22
N VAL B 50 10.51 32.93 -14.03
CA VAL B 50 11.94 33.16 -13.89
C VAL B 50 12.71 32.02 -14.56
N LEU B 51 12.38 30.78 -14.19
CA LEU B 51 13.12 29.64 -14.71
C LEU B 51 12.96 29.49 -16.21
N SER B 52 11.81 29.89 -16.75
CA SER B 52 11.58 29.80 -18.19
C SER B 52 12.69 30.47 -18.96
N GLN B 53 13.11 31.67 -18.50
CA GLN B 53 14.20 32.39 -19.12
C GLN B 53 15.52 31.74 -18.79
N LEU B 54 15.67 31.27 -17.55
CA LEU B 54 16.98 30.78 -17.15
C LEU B 54 17.36 29.47 -17.87
N VAL B 55 16.37 28.67 -18.25
CA VAL B 55 16.66 27.42 -18.97
C VAL B 55 16.60 27.63 -20.47
N GLY B 56 15.93 28.70 -20.93
CA GLY B 56 15.78 28.92 -22.35
C GLY B 56 14.92 27.86 -23.04
N GLU B 57 14.78 28.07 -24.35
CA GLU B 57 13.72 27.40 -25.08
C GLU B 57 14.01 25.91 -25.29
N LYS B 58 15.29 25.51 -25.30
CA LYS B 58 15.64 24.10 -25.29
C LYS B 58 15.27 23.42 -23.97
N GLY B 59 15.01 24.18 -22.92
CA GLY B 59 14.73 23.64 -21.60
C GLY B 59 13.24 23.58 -21.36
N HIS B 60 12.88 23.11 -20.17
CA HIS B 60 11.48 23.11 -19.82
C HIS B 60 11.30 23.32 -18.33
N VAL B 61 10.22 24.01 -17.99
CA VAL B 61 9.82 24.20 -16.61
C VAL B 61 8.42 23.60 -16.45
N THR B 62 8.28 22.68 -15.51
CA THR B 62 6.99 22.19 -15.07
C THR B 62 6.76 22.72 -13.65
N GLY B 63 5.60 23.30 -13.45
CA GLY B 63 5.17 23.73 -12.12
C GLY B 63 3.94 22.94 -11.72
N ILE B 64 3.88 22.62 -10.45
CA ILE B 64 2.81 21.80 -9.91
C ILE B 64 2.35 22.49 -8.64
N ASP B 65 1.05 22.71 -8.54
CA ASP B 65 0.48 23.37 -7.38
C ASP B 65 -0.77 22.63 -6.96
N MET B 66 -1.01 22.60 -5.65
CA MET B 66 -2.20 21.87 -5.21
C MET B 66 -3.47 22.68 -5.35
N THR B 67 -3.39 23.94 -5.72
CA THR B 67 -4.54 24.83 -5.74
C THR B 67 -4.90 25.19 -7.17
N LYS B 68 -6.01 24.60 -7.66
CA LYS B 68 -6.43 24.79 -9.05
C LYS B 68 -6.51 26.27 -9.45
N GLY B 69 -6.89 27.15 -8.53
CA GLY B 69 -6.99 28.56 -8.87
C GLY B 69 -5.64 29.22 -9.17
N GLN B 70 -4.64 28.90 -8.35
CA GLN B 70 -3.26 29.28 -8.66
C GLN B 70 -2.85 28.81 -10.06
N VAL B 71 -3.15 27.57 -10.40
CA VAL B 71 -2.74 27.06 -11.71
C VAL B 71 -3.43 27.87 -12.81
N GLU B 72 -4.71 28.19 -12.60
CA GLU B 72 -5.43 28.96 -13.60
C GLU B 72 -4.82 30.34 -13.80
N VAL B 73 -4.48 31.02 -12.70
CA VAL B 73 -3.84 32.33 -12.78
C VAL B 73 -2.52 32.24 -13.52
N ALA B 74 -1.64 31.32 -13.09
CA ALA B 74 -0.34 31.13 -13.73
C ALA B 74 -0.51 30.95 -15.24
N GLU B 75 -1.43 30.07 -15.65
CA GLU B 75 -1.63 29.79 -17.07
C GLU B 75 -2.20 30.97 -17.82
N LYS B 76 -2.87 31.89 -17.12
CA LYS B 76 -3.34 33.11 -17.76
C LYS B 76 -2.20 33.84 -18.44
N TYR B 77 -0.98 33.75 -17.91
CA TYR B 77 0.13 34.58 -18.31
C TYR B 77 1.16 33.86 -19.17
N LEU B 78 0.86 32.63 -19.60
CA LEU B 78 1.77 31.87 -20.45
C LEU B 78 2.13 32.65 -21.71
N ASP B 79 1.12 33.07 -22.46
CA ASP B 79 1.40 33.75 -23.72
C ASP B 79 2.12 35.06 -23.49
N TYR B 80 1.68 35.85 -22.49
CA TYR B 80 2.41 37.09 -22.20
C TYR B 80 3.91 36.82 -22.08
N HIS B 81 4.28 35.87 -21.21
CA HIS B 81 5.71 35.67 -20.96
C HIS B 81 6.42 34.99 -22.13
N MET B 82 5.73 34.09 -22.86
CA MET B 82 6.36 33.49 -24.02
C MET B 82 6.62 34.51 -25.12
N GLU B 83 5.71 35.48 -25.30
CA GLU B 83 5.98 36.59 -26.21
C GLU B 83 7.17 37.43 -25.73
N LYS B 84 7.08 37.96 -24.51
CA LYS B 84 8.13 38.81 -23.96
C LYS B 84 9.51 38.16 -24.08
N TYR B 85 9.56 36.83 -23.95
CA TYR B 85 10.84 36.14 -23.97
C TYR B 85 11.27 35.79 -25.38
N GLY B 86 10.45 36.10 -26.38
CA GLY B 86 10.77 35.74 -27.76
C GLY B 86 10.81 34.26 -28.05
N PHE B 87 10.05 33.44 -27.32
CA PHE B 87 10.06 31.99 -27.50
C PHE B 87 9.04 31.58 -28.55
N GLN B 88 9.44 30.67 -29.43
CA GLN B 88 8.53 30.20 -30.48
C GLN B 88 7.34 29.45 -29.88
N ALA B 89 7.58 28.51 -28.97
CA ALA B 89 6.52 27.84 -28.22
C ALA B 89 6.78 27.95 -26.71
N SER B 90 5.77 27.59 -25.93
CA SER B 90 5.92 27.65 -24.48
C SER B 90 6.88 26.59 -23.99
N ASN B 91 7.72 26.97 -23.03
CA ASN B 91 8.54 25.98 -22.34
C ASN B 91 8.11 25.78 -20.90
N VAL B 92 6.92 26.23 -20.50
CA VAL B 92 6.44 25.91 -19.17
C VAL B 92 5.06 25.27 -19.26
N THR B 93 4.87 24.27 -18.42
CA THR B 93 3.60 23.61 -18.23
C THR B 93 3.26 23.70 -16.76
N PHE B 94 2.01 24.01 -16.48
CA PHE B 94 1.51 24.09 -15.12
C PHE B 94 0.52 22.95 -14.91
N ILE B 95 0.65 22.29 -13.79
CA ILE B 95 -0.14 21.14 -13.44
C ILE B 95 -0.82 21.40 -12.11
N HIS B 96 -2.10 21.05 -12.01
CA HIS B 96 -2.77 20.99 -10.72
C HIS B 96 -2.61 19.57 -10.19
N GLY B 97 -1.90 19.44 -9.07
CA GLY B 97 -1.59 18.13 -8.51
C GLY B 97 -0.98 18.30 -7.14
N TYR B 98 -0.95 17.18 -6.40
CA TYR B 98 -0.38 17.22 -5.06
C TYR B 98 1.01 16.62 -5.09
N ILE B 99 1.95 17.27 -4.39
CA ILE B 99 3.36 17.02 -4.67
C ILE B 99 3.74 15.63 -4.20
N GLU B 100 3.10 15.10 -3.16
CA GLU B 100 3.44 13.72 -2.83
C GLU B 100 2.84 12.72 -3.81
N LYS B 101 2.13 13.16 -4.87
CA LYS B 101 1.60 12.23 -5.88
C LYS B 101 1.97 12.70 -7.30
N LEU B 102 3.28 12.87 -7.53
CA LEU B 102 3.72 13.36 -8.83
C LEU B 102 3.34 12.40 -9.95
N GLY B 103 3.23 11.10 -9.64
CA GLY B 103 2.79 10.15 -10.65
C GLY B 103 1.40 10.46 -11.15
N GLU B 104 0.46 10.61 -10.22
CA GLU B 104 -0.89 11.01 -10.61
C GLU B 104 -0.88 12.37 -11.32
N ALA B 105 0.12 13.21 -11.02
CA ALA B 105 0.23 14.46 -11.76
C ALA B 105 0.54 14.25 -13.24
N GLY B 106 1.06 13.08 -13.61
CA GLY B 106 1.47 12.84 -14.97
C GLY B 106 2.95 13.06 -15.25
N ILE B 107 3.77 13.27 -14.24
CA ILE B 107 5.19 13.51 -14.45
C ILE B 107 5.92 12.16 -14.52
N LYS B 108 6.60 11.91 -15.64
CA LYS B 108 7.23 10.57 -15.85
C LYS B 108 8.50 10.35 -15.03
N ASN B 109 8.95 9.11 -14.94
CA ASN B 109 10.22 8.79 -14.23
C ASN B 109 11.38 9.33 -15.06
N GLU B 110 12.43 9.85 -14.40
CA GLU B 110 13.65 10.30 -15.12
C GLU B 110 13.26 11.31 -16.22
N SER B 111 12.34 12.23 -15.91
CA SER B 111 11.89 13.23 -16.91
C SER B 111 12.48 14.61 -16.59
N HIS B 112 13.11 14.78 -15.42
CA HIS B 112 13.57 16.13 -15.03
C HIS B 112 15.00 16.12 -14.49
N ASP B 113 15.82 17.06 -14.96
CA ASP B 113 17.19 17.19 -14.46
C ASP B 113 17.23 17.75 -13.05
N ILE B 114 16.28 18.62 -12.68
CA ILE B 114 16.34 19.30 -11.38
C ILE B 114 14.96 19.43 -10.76
N VAL B 115 14.89 19.34 -9.43
CA VAL B 115 13.66 19.58 -8.66
C VAL B 115 13.96 20.66 -7.63
N VAL B 116 13.19 21.75 -7.65
CA VAL B 116 13.27 22.82 -6.65
C VAL B 116 11.88 23.00 -6.02
N SER B 117 11.80 23.80 -4.96
CA SER B 117 10.50 23.88 -4.32
C SER B 117 10.27 25.25 -3.69
N ASN B 118 9.00 25.60 -3.53
CA ASN B 118 8.57 26.72 -2.71
C ASN B 118 8.54 26.27 -1.25
N CYS B 119 8.87 27.20 -0.34
CA CYS B 119 9.02 26.79 1.06
C CYS B 119 7.70 26.37 1.71
N VAL B 120 6.53 26.67 1.10
CA VAL B 120 5.27 26.09 1.58
C VAL B 120 5.34 24.56 1.59
N ILE B 121 6.18 23.97 0.72
CA ILE B 121 6.35 22.52 0.60
C ILE B 121 6.96 21.93 1.87
N ASN B 122 7.72 22.73 2.61
CA ASN B 122 8.25 22.28 3.89
C ASN B 122 7.17 22.06 4.94
N LEU B 123 5.90 22.32 4.56
CA LEU B 123 4.75 22.16 5.41
C LEU B 123 3.87 20.98 4.98
N VAL B 124 4.49 19.92 4.46
CA VAL B 124 3.83 18.62 4.32
C VAL B 124 3.95 17.94 5.67
N PRO B 125 3.09 16.97 5.98
CA PRO B 125 3.44 16.06 7.09
C PRO B 125 4.48 15.04 6.68
N ASP B 126 4.47 14.59 5.41
CA ASP B 126 5.28 13.46 4.97
C ASP B 126 6.40 13.92 4.04
N LYS B 127 7.59 14.15 4.61
CA LYS B 127 8.74 14.53 3.79
C LYS B 127 9.28 13.36 2.97
N GLN B 128 9.41 12.18 3.57
CA GLN B 128 9.92 11.00 2.85
C GLN B 128 9.18 10.72 1.55
N GLN B 129 7.85 10.86 1.53
CA GLN B 129 7.11 10.54 0.31
C GLN B 129 7.43 11.54 -0.78
N VAL B 130 7.63 12.80 -0.39
CA VAL B 130 8.04 13.87 -1.30
C VAL B 130 9.42 13.56 -1.88
N LEU B 131 10.34 13.08 -1.04
CA LEU B 131 11.67 12.75 -1.52
C LEU B 131 11.64 11.56 -2.46
N GLN B 132 10.79 10.56 -2.17
CA GLN B 132 10.67 9.42 -3.07
C GLN B 132 10.15 9.87 -4.43
N GLU B 133 9.19 10.79 -4.45
CA GLU B 133 8.70 11.24 -5.75
C GLU B 133 9.75 12.08 -6.46
N ALA B 134 10.53 12.86 -5.71
CA ALA B 134 11.58 13.65 -6.35
C ALA B 134 12.65 12.73 -6.89
N TYR B 135 13.03 11.71 -6.14
CA TYR B 135 14.02 10.72 -6.66
C TYR B 135 13.49 10.11 -7.96
N ARG B 136 12.23 9.68 -7.98
CA ARG B 136 11.67 8.97 -9.16
C ARG B 136 11.65 9.86 -10.40
N VAL B 137 11.26 11.13 -10.27
CA VAL B 137 11.10 12.01 -11.47
C VAL B 137 12.45 12.55 -11.91
N LEU B 138 13.47 12.44 -11.06
CA LEU B 138 14.80 12.96 -11.39
C LEU B 138 15.56 12.02 -12.36
N LYS B 139 16.13 12.59 -13.42
CA LYS B 139 17.05 11.86 -14.29
C LYS B 139 18.32 11.43 -13.52
N HIS B 140 19.06 10.50 -14.09
CA HIS B 140 20.38 10.15 -13.59
C HIS B 140 21.27 11.38 -13.59
N GLY B 141 21.97 11.61 -12.48
CA GLY B 141 22.81 12.79 -12.33
C GLY B 141 22.08 14.07 -11.98
N GLY B 142 20.75 14.03 -11.80
CA GLY B 142 19.98 15.21 -11.47
C GLY B 142 20.01 15.50 -9.99
N GLU B 143 19.47 16.66 -9.61
CA GLU B 143 19.51 17.04 -8.20
C GLU B 143 18.17 17.59 -7.72
N LEU B 144 17.84 17.20 -6.49
CA LEU B 144 16.87 17.87 -5.66
C LEU B 144 17.61 18.98 -4.93
N TYR B 145 17.17 20.22 -5.10
CA TYR B 145 17.90 21.37 -4.58
C TYR B 145 16.89 22.22 -3.81
N PHE B 146 17.02 22.28 -2.48
CA PHE B 146 15.89 22.77 -1.70
C PHE B 146 16.29 23.21 -0.29
N SER B 147 15.51 24.17 0.24
CA SER B 147 15.67 24.74 1.58
C SER B 147 14.53 24.30 2.50
N ASP B 148 14.85 24.02 3.75
CA ASP B 148 13.84 23.52 4.68
C ASP B 148 14.33 23.76 6.10
N VAL B 149 13.49 23.42 7.06
CA VAL B 149 13.77 23.64 8.48
C VAL B 149 14.09 22.30 9.11
N TYR B 150 15.16 22.29 9.91
CA TYR B 150 15.63 21.13 10.64
C TYR B 150 15.81 21.56 12.08
N THR B 151 15.89 20.54 12.95
CA THR B 151 15.97 20.72 14.40
C THR B 151 17.28 20.16 14.92
N SER B 152 17.71 20.72 16.04
CA SER B 152 18.96 20.30 16.62
C SER B 152 18.81 19.01 17.41
N LEU B 153 17.60 18.69 17.86
CA LEU B 153 17.36 17.50 18.67
C LEU B 153 16.14 16.78 18.12
N GLU B 154 16.01 15.50 18.45
CA GLU B 154 14.87 14.72 17.97
C GLU B 154 13.68 15.04 18.86
N LEU B 155 12.74 15.83 18.34
CA LEU B 155 11.61 16.19 19.18
C LEU B 155 10.67 14.99 19.32
N PRO B 156 10.04 14.81 20.48
CA PRO B 156 9.01 13.77 20.59
C PRO B 156 7.81 14.10 19.72
N GLU B 157 7.02 13.09 19.41
CA GLU B 157 5.81 13.34 18.63
C GLU B 157 4.80 14.19 19.42
N GLU B 158 4.70 14.00 20.75
CA GLU B 158 3.99 14.96 21.59
C GLU B 158 4.18 16.40 21.10
N ILE B 159 5.42 16.76 20.79
CA ILE B 159 5.79 18.15 20.56
C ILE B 159 5.67 18.52 19.09
N ARG B 160 5.93 17.58 18.17
CA ARG B 160 5.70 17.84 16.75
C ARG B 160 4.22 17.94 16.43
N THR B 161 3.37 17.30 17.22
CA THR B 161 1.95 17.45 16.98
C THR B 161 1.38 18.71 17.65
N HIS B 162 2.24 19.52 18.26
CA HIS B 162 1.75 20.65 19.05
C HIS B 162 1.28 21.79 18.16
N LYS B 163 0.13 22.36 18.53
CA LYS B 163 -0.51 23.40 17.74
C LYS B 163 0.32 24.68 17.71
N VAL B 164 1.10 24.94 18.75
CA VAL B 164 2.02 26.07 18.72
C VAL B 164 3.08 25.88 17.64
N LEU B 165 3.76 24.73 17.68
CA LEU B 165 4.78 24.42 16.69
C LEU B 165 4.23 24.56 15.29
N TRP B 166 3.11 23.89 15.00
CA TRP B 166 2.51 24.03 13.68
C TRP B 166 2.06 25.46 13.41
N GLY B 167 1.85 26.26 14.46
CA GLY B 167 1.46 27.65 14.26
C GLY B 167 2.61 28.51 13.75
N GLU B 168 3.84 28.10 14.02
CA GLU B 168 4.99 28.86 13.55
C GLU B 168 5.60 28.31 12.26
N CYS B 169 4.88 27.42 11.56
CA CYS B 169 5.36 26.73 10.37
C CYS B 169 6.55 25.83 10.63
N LEU B 170 6.90 25.61 11.88
CA LEU B 170 7.91 24.64 12.25
C LEU B 170 7.35 23.24 12.37
N GLY B 171 6.13 23.01 11.90
CA GLY B 171 5.61 21.66 11.82
C GLY B 171 6.26 20.92 10.67
N GLY B 172 6.51 19.64 10.90
CA GLY B 172 7.14 18.80 9.90
C GLY B 172 8.64 18.89 9.81
N ALA B 173 9.27 19.76 10.62
CA ALA B 173 10.73 19.87 10.63
C ALA B 173 11.36 18.53 10.99
N LEU B 174 12.40 18.13 10.26
CA LEU B 174 13.15 16.92 10.58
C LEU B 174 14.29 17.23 11.53
N TYR B 175 14.60 16.27 12.38
CA TYR B 175 15.91 16.25 13.02
C TYR B 175 16.96 16.12 11.92
N TRP B 176 17.99 16.95 11.98
CA TRP B 176 18.83 17.12 10.80
C TRP B 176 19.53 15.82 10.38
N LYS B 177 19.97 15.01 11.35
CA LYS B 177 20.55 13.70 11.04
C LYS B 177 19.59 12.80 10.26
N GLU B 178 18.28 13.09 10.30
CA GLU B 178 17.33 12.27 9.57
C GLU B 178 17.46 12.44 8.06
N LEU B 179 17.85 13.62 7.57
CA LEU B 179 17.88 13.83 6.12
C LEU B 179 18.78 12.80 5.44
N ALA B 180 19.99 12.61 5.98
CA ALA B 180 20.90 11.65 5.36
C ALA B 180 20.32 10.24 5.38
N VAL B 181 19.69 9.84 6.50
CA VAL B 181 19.05 8.51 6.58
C VAL B 181 18.06 8.33 5.43
N LEU B 182 17.18 9.32 5.25
CA LEU B 182 16.20 9.20 4.18
C LEU B 182 16.87 9.07 2.82
N ALA B 183 17.93 9.86 2.58
CA ALA B 183 18.61 9.76 1.30
C ALA B 183 19.22 8.39 1.12
N GLN B 184 19.83 7.87 2.20
CA GLN B 184 20.43 6.54 2.13
C GLN B 184 19.39 5.51 1.71
N LYS B 185 18.21 5.57 2.31
CA LYS B 185 17.22 4.55 2.04
C LYS B 185 16.50 4.80 0.72
N ILE B 186 16.46 6.04 0.24
CA ILE B 186 15.70 6.30 -0.97
C ILE B 186 16.55 6.09 -2.23
N GLY B 187 17.85 6.35 -2.15
CA GLY B 187 18.72 6.24 -3.30
C GLY B 187 19.51 7.50 -3.62
N PHE B 188 19.39 8.53 -2.79
CA PHE B 188 20.18 9.73 -2.99
C PHE B 188 21.59 9.52 -2.44
N CYS B 189 22.55 10.24 -3.03
CA CYS B 189 23.89 10.43 -2.45
C CYS B 189 23.71 11.16 -1.14
N PRO B 190 24.73 11.24 -0.30
CA PRO B 190 24.61 12.01 0.94
C PRO B 190 24.30 13.47 0.65
N PRO B 191 23.43 14.08 1.47
CA PRO B 191 23.06 15.50 1.28
C PRO B 191 24.28 16.40 1.32
N ARG B 192 24.38 17.28 0.33
CA ARG B 192 25.37 18.34 0.32
C ARG B 192 24.76 19.52 1.03
N LEU B 193 25.26 19.81 2.22
CA LEU B 193 24.91 21.04 2.92
C LEU B 193 25.50 22.24 2.18
N VAL B 194 24.68 23.21 1.81
CA VAL B 194 25.18 24.38 1.11
C VAL B 194 25.22 25.55 2.09
N THR B 195 24.09 25.87 2.72
CA THR B 195 24.00 27.01 3.62
C THR B 195 22.96 26.75 4.71
N ALA B 196 23.06 27.52 5.79
CA ALA B 196 22.31 27.29 7.02
C ALA B 196 22.25 28.59 7.81
N ASN B 197 21.05 28.95 8.27
CA ASN B 197 20.84 30.11 9.13
C ASN B 197 19.96 29.70 10.29
N LEU B 198 20.40 29.97 11.52
CA LEU B 198 19.58 29.69 12.69
C LEU B 198 18.29 30.48 12.62
N ILE B 199 17.22 29.88 13.08
CA ILE B 199 15.93 30.54 13.23
C ILE B 199 15.80 30.98 14.68
N THR B 200 15.47 32.25 14.89
CA THR B 200 15.21 32.76 16.23
C THR B 200 13.74 32.54 16.53
N ILE B 201 13.45 32.18 17.77
CA ILE B 201 12.09 31.90 18.20
C ILE B 201 11.63 33.08 19.05
N GLN B 202 10.72 33.89 18.50
CA GLN B 202 10.16 35.02 19.26
C GLN B 202 9.02 34.57 20.17
N ASN B 203 8.45 33.40 19.90
CA ASN B 203 7.25 32.92 20.57
C ASN B 203 7.58 32.45 21.98
N LYS B 204 6.80 32.91 22.96
CA LYS B 204 7.13 32.65 24.36
C LYS B 204 6.69 31.27 24.82
N GLU B 205 5.51 30.81 24.38
CA GLU B 205 5.05 29.45 24.65
C GLU B 205 5.92 28.42 23.94
N LEU B 206 6.28 28.70 22.68
CA LEU B 206 7.17 27.80 21.97
C LEU B 206 8.51 27.67 22.66
N GLU B 207 9.07 28.81 23.11
CA GLU B 207 10.27 28.79 23.94
C GLU B 207 10.15 27.76 25.06
N ARG B 208 8.98 27.67 25.68
CA ARG B 208 8.81 26.71 26.76
C ARG B 208 8.70 25.29 26.22
N VAL B 209 8.02 25.10 25.09
CA VAL B 209 7.69 23.72 24.67
C VAL B 209 8.91 23.00 24.08
N ILE B 210 9.76 23.72 23.33
CA ILE B 210 10.82 22.99 22.64
C ILE B 210 12.03 22.78 23.55
N GLY B 211 12.30 23.69 24.45
CA GLY B 211 13.33 23.45 25.47
C GLY B 211 14.69 23.92 24.99
N ASP B 212 15.64 22.99 24.92
CA ASP B 212 16.97 23.32 24.41
C ASP B 212 17.10 23.10 22.91
N CYS B 213 16.05 22.61 22.26
CA CYS B 213 16.07 22.36 20.83
C CYS B 213 16.11 23.68 20.05
N ARG B 214 16.90 23.71 18.99
CA ARG B 214 16.99 24.85 18.10
C ARG B 214 16.56 24.46 16.69
N PHE B 215 16.34 25.47 15.88
CA PHE B 215 15.83 25.28 14.52
C PHE B 215 16.73 26.02 13.55
N VAL B 216 16.91 25.41 12.38
CA VAL B 216 17.77 25.99 11.36
C VAL B 216 17.10 25.86 9.99
N SER B 217 17.27 26.90 9.17
CA SER B 217 16.87 26.90 7.78
C SER B 217 18.12 26.59 6.99
N ALA B 218 18.05 25.55 6.15
CA ALA B 218 19.26 25.05 5.53
C ALA B 218 18.93 24.50 4.16
N THR B 219 19.90 24.63 3.26
CA THR B 219 19.77 24.26 1.86
C THR B 219 20.62 23.02 1.56
N PHE B 220 20.02 22.00 0.96
CA PHE B 220 20.79 20.82 0.58
C PHE B 220 20.58 20.46 -0.88
N ARG B 221 21.66 19.95 -1.47
CA ARG B 221 21.62 19.32 -2.76
C ARG B 221 21.61 17.82 -2.53
N LEU B 222 20.65 17.13 -3.12
CA LEU B 222 20.52 15.67 -3.09
C LEU B 222 20.66 15.19 -4.51
N PHE B 223 21.72 14.43 -4.80
CA PHE B 223 21.93 13.95 -6.14
C PHE B 223 21.49 12.50 -6.30
N LYS B 224 21.04 12.20 -7.50
CA LYS B 224 20.62 10.86 -7.88
C LYS B 224 21.60 10.35 -8.92
N HIS B 225 22.39 9.33 -8.57
CA HIS B 225 23.14 8.64 -9.61
C HIS B 225 23.51 7.23 -9.15
N SER B 226 24.03 6.45 -10.11
CA SER B 226 24.23 5.01 -9.98
C SER B 226 25.71 4.69 -10.15
N LYS B 227 26.15 3.58 -9.55
CA LYS B 227 27.56 3.21 -9.49
C LYS B 227 27.88 2.17 -10.58
N THR B 228 28.15 2.69 -11.77
CA THR B 228 28.43 1.90 -12.96
C THR B 228 29.83 1.27 -12.97
N GLY B 229 30.65 1.58 -11.97
CA GLY B 229 32.03 1.17 -11.99
C GLY B 229 32.76 1.75 -10.80
N PRO B 230 34.01 1.32 -10.60
CA PRO B 230 34.77 1.87 -9.49
C PRO B 230 35.07 3.33 -9.73
N THR B 231 35.17 4.08 -8.64
CA THR B 231 35.49 5.49 -8.69
C THR B 231 36.77 5.69 -7.87
N LYS B 232 37.72 6.41 -8.42
CA LYS B 232 38.87 6.79 -7.61
C LYS B 232 38.69 8.22 -7.10
N ARG B 233 39.59 8.63 -6.20
CA ARG B 233 39.79 10.05 -5.92
C ARG B 233 40.18 10.76 -7.21
N CYS B 234 39.71 11.98 -7.38
CA CYS B 234 39.93 12.68 -8.64
C CYS B 234 40.42 14.09 -8.36
N GLN B 235 40.95 14.73 -9.40
CA GLN B 235 41.14 16.17 -9.39
C GLN B 235 40.22 16.79 -10.41
N VAL B 236 39.76 17.99 -10.09
CA VAL B 236 38.83 18.73 -10.94
C VAL B 236 39.34 20.15 -11.05
N ILE B 237 39.14 20.73 -12.24
CA ILE B 237 39.40 22.13 -12.51
C ILE B 237 38.15 22.74 -13.09
N TYR B 238 37.63 23.78 -12.44
CA TYR B 238 36.47 24.51 -12.93
C TYR B 238 36.89 25.38 -14.10
N ASN B 239 36.30 25.14 -15.29
CA ASN B 239 36.59 25.89 -16.51
C ASN B 239 35.99 27.30 -16.51
N GLY B 240 35.21 27.67 -15.50
CA GLY B 240 34.85 29.05 -15.32
C GLY B 240 33.78 29.61 -16.23
N GLY B 241 32.90 28.79 -16.77
CA GLY B 241 31.85 29.39 -17.57
C GLY B 241 30.41 29.07 -17.22
N ILE B 242 30.08 28.93 -15.95
CA ILE B 242 28.68 28.85 -15.52
C ILE B 242 28.14 30.28 -15.38
N THR B 243 27.05 30.58 -16.08
CA THR B 243 26.42 31.90 -15.97
C THR B 243 26.29 32.38 -14.52
N GLY B 244 26.84 33.56 -14.26
CA GLY B 244 26.86 34.17 -12.94
C GLY B 244 27.80 33.54 -11.93
N HIS B 245 28.58 32.52 -12.30
CA HIS B 245 29.58 32.03 -11.36
C HIS B 245 30.89 31.76 -12.08
N GLU B 246 31.24 32.66 -13.03
CA GLU B 246 32.46 32.50 -13.83
C GLU B 246 33.72 32.35 -12.98
N LYS B 247 33.92 33.29 -12.06
CA LYS B 247 35.13 33.31 -11.24
C LYS B 247 35.26 32.06 -10.40
N GLU B 248 34.17 31.60 -9.78
CA GLU B 248 34.25 30.46 -8.89
C GLU B 248 32.85 29.93 -8.68
N LEU B 249 32.79 28.65 -8.36
CA LEU B 249 31.56 27.89 -8.18
C LEU B 249 31.53 27.44 -6.73
N MET B 250 30.66 28.02 -5.91
CA MET B 250 30.53 27.51 -4.54
C MET B 250 29.57 26.34 -4.59
N PHE B 251 30.12 25.11 -4.66
CA PHE B 251 29.26 23.95 -4.85
C PHE B 251 28.53 23.60 -3.57
N ASP B 252 29.27 23.44 -2.47
CA ASP B 252 28.66 23.31 -1.16
C ASP B 252 29.59 23.94 -0.14
N ALA B 253 29.30 23.70 1.13
CA ALA B 253 30.04 24.37 2.19
C ALA B 253 31.39 23.71 2.44
N ASN B 254 31.73 22.68 1.69
CA ASN B 254 33.05 22.07 1.77
C ASN B 254 33.92 22.34 0.54
N PHE B 255 33.32 22.78 -0.57
CA PHE B 255 33.97 22.88 -1.86
C PHE B 255 33.53 24.19 -2.53
N THR B 256 34.42 25.16 -2.55
CA THR B 256 34.35 26.24 -3.52
C THR B 256 35.47 26.04 -4.54
N PHE B 257 35.10 26.01 -5.81
CA PHE B 257 35.94 25.65 -6.93
C PHE B 257 36.22 26.94 -7.70
N LYS B 258 37.39 27.54 -7.43
CA LYS B 258 37.82 28.76 -8.14
C LYS B 258 38.34 28.41 -9.53
N GLU B 259 37.90 29.20 -10.53
CA GLU B 259 38.27 28.99 -11.94
C GLU B 259 39.75 28.62 -12.09
N GLY B 260 40.01 27.54 -12.80
CA GLY B 260 41.38 27.18 -13.11
C GLY B 260 42.16 26.48 -12.01
N GLU B 261 41.75 26.59 -10.74
CA GLU B 261 42.45 25.88 -9.66
C GLU B 261 42.26 24.36 -9.71
N ILE B 262 43.29 23.63 -9.30
CA ILE B 262 43.27 22.16 -9.30
C ILE B 262 42.88 21.73 -7.89
N VAL B 263 41.71 21.10 -7.76
CA VAL B 263 41.21 20.65 -6.46
C VAL B 263 41.10 19.14 -6.47
N GLU B 264 41.68 18.50 -5.45
CA GLU B 264 41.46 17.08 -5.23
C GLU B 264 40.13 16.87 -4.53
N VAL B 265 39.33 15.93 -5.03
CA VAL B 265 38.03 15.65 -4.46
C VAL B 265 37.88 14.16 -4.20
N ASP B 266 37.10 13.85 -3.17
CA ASP B 266 36.77 12.49 -2.77
C ASP B 266 35.98 11.75 -3.86
N GLU B 267 35.81 10.44 -3.64
CA GLU B 267 35.16 9.58 -4.63
C GLU B 267 33.72 10.03 -4.90
N GLU B 268 33.02 10.41 -3.83
CA GLU B 268 31.61 10.79 -3.93
C GLU B 268 31.44 12.11 -4.68
N THR B 269 32.14 13.14 -4.25
CA THR B 269 32.10 14.43 -4.94
C THR B 269 32.45 14.27 -6.41
N ALA B 270 33.43 13.42 -6.70
CA ALA B 270 33.83 13.22 -8.08
C ALA B 270 32.74 12.52 -8.88
N ALA B 271 32.11 11.51 -8.29
CA ALA B 271 31.00 10.85 -8.98
C ALA B 271 29.90 11.84 -9.30
N ILE B 272 29.60 12.72 -8.35
CA ILE B 272 28.54 13.70 -8.57
C ILE B 272 28.94 14.64 -9.71
N LEU B 273 30.17 15.16 -9.67
CA LEU B 273 30.57 16.09 -10.73
C LEU B 273 30.63 15.39 -12.08
N LYS B 274 31.11 14.13 -12.12
CA LYS B 274 31.17 13.34 -13.36
C LYS B 274 29.80 13.04 -13.93
N ASN B 275 28.85 12.68 -13.08
CA ASN B 275 27.57 12.18 -13.57
C ASN B 275 26.51 13.24 -13.75
N SER B 276 26.70 14.41 -13.14
CA SER B 276 25.76 15.51 -13.25
C SER B 276 26.01 16.32 -14.52
N ARG B 277 25.23 17.39 -14.65
CA ARG B 277 25.39 18.40 -15.69
C ARG B 277 26.60 19.30 -15.43
N PHE B 278 27.21 19.24 -14.25
CA PHE B 278 28.40 20.04 -14.00
C PHE B 278 29.63 19.52 -14.72
N ALA B 279 29.54 18.33 -15.29
CA ALA B 279 30.72 17.71 -15.89
C ALA B 279 31.24 18.54 -17.07
N GLN B 280 30.33 19.10 -17.87
CA GLN B 280 30.70 20.05 -18.93
C GLN B 280 31.54 21.21 -18.41
N ASP B 281 31.48 21.51 -17.12
CA ASP B 281 32.07 22.70 -16.53
C ASP B 281 33.37 22.43 -15.80
N PHE B 282 33.80 21.20 -15.77
CA PHE B 282 35.03 20.85 -15.10
C PHE B 282 35.89 19.97 -16.00
N LEU B 283 37.20 20.13 -15.88
CA LEU B 283 38.14 19.12 -16.35
C LEU B 283 38.33 18.20 -15.17
N ILE B 284 38.13 16.89 -15.40
CA ILE B 284 38.20 15.91 -14.32
C ILE B 284 39.18 14.80 -14.71
N ARG B 285 40.25 14.67 -13.94
CA ARG B 285 41.27 13.67 -14.16
C ARG B 285 41.35 12.80 -12.91
N PRO B 286 41.43 11.48 -13.04
CA PRO B 286 41.64 10.65 -11.84
C PRO B 286 43.09 10.77 -11.37
N ILE B 287 43.27 10.91 -10.06
CA ILE B 287 44.59 10.99 -9.47
C ILE B 287 45.46 9.78 -9.87
N ASP B 304 37.62 18.05 8.53
CA ASP B 304 37.18 19.41 8.23
C ASP B 304 35.88 19.48 7.41
N ILE B 305 35.25 18.33 7.15
CA ILE B 305 34.04 18.25 6.33
C ILE B 305 32.81 18.55 7.20
N ILE B 306 32.18 19.70 6.96
CA ILE B 306 30.97 20.09 7.69
C ILE B 306 29.77 19.33 7.13
N THR B 307 28.90 18.82 8.02
CA THR B 307 27.63 18.21 7.64
C THR B 307 26.49 18.78 8.46
N ASP B 308 26.83 19.21 9.65
CA ASP B 308 25.94 19.62 10.71
C ASP B 308 25.53 21.06 10.43
N PRO B 309 24.26 21.28 10.04
CA PRO B 309 23.84 22.65 9.66
C PRO B 309 23.86 23.63 10.82
N PHE B 310 23.87 23.17 12.08
CA PHE B 310 23.93 24.10 13.18
C PHE B 310 25.35 24.61 13.42
N LYS B 311 26.36 23.75 13.26
CA LYS B 311 27.75 24.23 13.26
C LYS B 311 27.97 25.20 12.10
N LEU B 312 27.48 24.82 10.91
CA LEU B 312 27.60 25.72 9.77
C LEU B 312 26.98 27.08 10.07
N ALA B 313 25.75 27.12 10.59
CA ALA B 313 25.11 28.41 10.84
C ALA B 313 25.81 29.19 11.95
N GLU B 314 26.29 28.50 12.99
CA GLU B 314 26.94 29.20 14.10
C GLU B 314 28.18 29.97 13.65
N GLU B 315 28.87 29.49 12.61
CA GLU B 315 30.18 30.04 12.26
C GLU B 315 30.15 31.31 11.39
N PRO C 1 -23.07 -37.55 9.10
CA PRO C 1 -23.32 -38.50 7.99
C PRO C 1 -23.52 -37.80 6.64
N VAL C 2 -22.66 -38.12 5.67
CA VAL C 2 -22.67 -37.44 4.38
C VAL C 2 -24.00 -37.66 3.69
N PRO C 3 -24.81 -36.62 3.52
CA PRO C 3 -26.07 -36.73 2.79
C PRO C 3 -25.90 -37.41 1.43
N LYS C 4 -26.91 -38.16 1.02
CA LYS C 4 -26.75 -38.99 -0.17
C LYS C 4 -26.33 -38.15 -1.38
N HIS C 5 -26.98 -37.00 -1.60
CA HIS C 5 -26.75 -36.28 -2.85
C HIS C 5 -25.31 -35.82 -2.95
N ILE C 6 -24.66 -35.58 -1.83
CA ILE C 6 -23.24 -35.26 -1.86
C ILE C 6 -22.44 -36.52 -2.19
N ARG C 7 -22.74 -37.64 -1.52
CA ARG C 7 -22.08 -38.91 -1.80
C ARG C 7 -22.09 -39.22 -3.29
N GLU C 8 -23.25 -39.01 -3.91
CA GLU C 8 -23.43 -39.37 -5.30
C GLU C 8 -22.75 -38.39 -6.23
N ALA C 9 -22.77 -37.10 -5.88
CA ALA C 9 -22.00 -36.14 -6.66
C ALA C 9 -20.52 -36.48 -6.63
N LEU C 10 -20.01 -36.96 -5.48
CA LEU C 10 -18.63 -37.42 -5.41
C LEU C 10 -18.41 -38.62 -6.33
N GLN C 11 -19.29 -39.61 -6.26
CA GLN C 11 -19.10 -40.77 -7.12
C GLN C 11 -19.07 -40.41 -8.60
N ASN C 12 -19.60 -39.26 -8.97
CA ASN C 12 -19.74 -38.90 -10.38
C ASN C 12 -18.63 -38.01 -10.92
N VAL C 13 -17.54 -37.79 -10.18
CA VAL C 13 -16.38 -37.13 -10.78
C VAL C 13 -15.51 -38.18 -11.45
N HIS C 14 -15.04 -37.85 -12.65
CA HIS C 14 -14.09 -38.72 -13.37
C HIS C 14 -13.00 -39.23 -12.45
N GLU C 15 -12.80 -40.56 -12.49
CA GLU C 15 -11.93 -41.21 -11.53
C GLU C 15 -10.53 -40.62 -11.54
N GLU C 16 -10.04 -40.15 -12.69
CA GLU C 16 -8.73 -39.51 -12.77
C GLU C 16 -8.70 -38.30 -11.84
N VAL C 17 -9.66 -37.40 -12.01
CA VAL C 17 -9.77 -36.21 -11.19
C VAL C 17 -9.77 -36.57 -9.72
N ALA C 18 -10.62 -37.52 -9.33
CA ALA C 18 -10.73 -37.88 -7.92
C ALA C 18 -9.44 -38.49 -7.42
N LEU C 19 -8.69 -39.13 -8.32
CA LEU C 19 -7.45 -39.80 -7.95
C LEU C 19 -6.42 -38.80 -7.44
N ARG C 20 -6.34 -37.65 -8.09
CA ARG C 20 -5.39 -36.55 -7.88
C ARG C 20 -5.76 -35.62 -6.69
N TYR C 21 -6.63 -36.04 -5.78
CA TYR C 21 -7.17 -35.15 -4.76
C TYR C 21 -6.27 -35.15 -3.52
N TYR C 22 -5.68 -34.01 -3.23
CA TYR C 22 -5.03 -33.76 -1.94
C TYR C 22 -5.96 -32.86 -1.12
N GLY C 23 -6.35 -33.31 0.06
CA GLY C 23 -7.19 -32.48 0.91
C GLY C 23 -7.63 -33.19 2.18
N CYS C 24 -8.47 -32.46 2.94
CA CYS C 24 -9.04 -32.89 4.22
C CYS C 24 -10.49 -33.36 4.12
N GLY C 25 -11.09 -33.27 2.94
CA GLY C 25 -12.48 -33.67 2.77
C GLY C 25 -13.33 -32.48 2.40
N LEU C 26 -14.54 -32.69 1.88
CA LEU C 26 -15.42 -31.58 1.52
C LEU C 26 -15.85 -30.79 2.76
N VAL C 27 -15.49 -29.50 2.81
CA VAL C 27 -16.09 -28.58 3.78
C VAL C 27 -17.03 -27.66 3.03
N ILE C 28 -18.32 -27.91 3.19
CA ILE C 28 -19.33 -27.51 2.21
C ILE C 28 -20.57 -27.16 3.03
N PRO C 29 -21.20 -26.00 2.82
CA PRO C 29 -22.40 -25.67 3.59
C PRO C 29 -23.67 -26.18 2.93
N GLU C 30 -24.84 -25.85 3.51
CA GLU C 30 -26.14 -26.32 3.04
C GLU C 30 -26.80 -25.32 2.05
N HIS C 31 -27.77 -25.83 1.28
CA HIS C 31 -28.61 -25.05 0.37
C HIS C 31 -27.80 -24.36 -0.72
N LEU C 32 -27.33 -25.18 -1.67
CA LEU C 32 -26.36 -24.72 -2.66
C LEU C 32 -26.98 -24.39 -4.01
N GLU C 33 -28.23 -24.81 -4.25
CA GLU C 33 -28.85 -24.70 -5.57
C GLU C 33 -28.86 -23.26 -6.04
N ASN C 34 -28.52 -23.07 -7.32
CA ASN C 34 -28.46 -21.80 -8.06
C ASN C 34 -27.35 -20.85 -7.61
N CYS C 35 -26.57 -21.19 -6.59
CA CYS C 35 -25.55 -20.30 -6.04
C CYS C 35 -24.33 -20.20 -6.94
N TRP C 36 -23.65 -19.08 -6.75
CA TRP C 36 -22.29 -18.84 -7.18
C TRP C 36 -21.37 -19.11 -5.99
N ILE C 37 -20.47 -20.06 -6.18
CA ILE C 37 -19.58 -20.58 -5.15
C ILE C 37 -18.16 -20.41 -5.65
N LEU C 38 -17.34 -19.72 -4.87
CA LEU C 38 -15.90 -19.67 -5.09
C LEU C 38 -15.18 -20.73 -4.25
N ASP C 39 -14.39 -21.57 -4.92
CA ASP C 39 -13.56 -22.61 -4.29
C ASP C 39 -12.12 -22.12 -4.25
N LEU C 40 -11.69 -21.63 -3.09
CA LEU C 40 -10.29 -21.26 -2.86
C LEU C 40 -9.42 -22.50 -2.85
N GLY C 41 -8.45 -22.57 -3.76
CA GLY C 41 -7.63 -23.75 -3.81
C GLY C 41 -8.28 -24.93 -4.51
N SER C 42 -8.69 -24.72 -5.77
CA SER C 42 -9.43 -25.72 -6.53
C SER C 42 -8.62 -26.98 -6.86
N GLY C 43 -7.31 -26.99 -6.63
CA GLY C 43 -6.49 -28.13 -7.00
C GLY C 43 -6.75 -28.61 -8.43
N SER C 44 -6.77 -29.94 -8.59
CA SER C 44 -6.98 -30.58 -9.88
C SER C 44 -8.44 -30.63 -10.29
N GLY C 45 -9.38 -30.31 -9.40
CA GLY C 45 -10.75 -30.09 -9.83
C GLY C 45 -11.89 -30.81 -9.10
N ARG C 46 -11.60 -31.69 -8.15
CA ARG C 46 -12.63 -32.58 -7.64
C ARG C 46 -13.78 -31.81 -6.98
N ASP C 47 -13.47 -31.04 -5.92
CA ASP C 47 -14.52 -30.28 -5.24
C ASP C 47 -15.35 -29.44 -6.22
N CYS C 48 -14.72 -28.80 -7.20
CA CYS C 48 -15.53 -28.00 -8.10
C CYS C 48 -16.46 -28.86 -8.92
N TYR C 49 -16.06 -30.09 -9.23
CA TYR C 49 -16.94 -30.90 -10.06
C TYR C 49 -18.06 -31.49 -9.24
N VAL C 50 -17.82 -31.63 -7.93
CA VAL C 50 -18.89 -31.92 -6.98
C VAL C 50 -19.86 -30.76 -6.94
N LEU C 51 -19.34 -29.55 -6.72
CA LEU C 51 -20.21 -28.38 -6.56
C LEU C 51 -20.99 -28.09 -7.84
N SER C 52 -20.40 -28.38 -9.00
CA SER C 52 -21.08 -28.14 -10.27
C SER C 52 -22.45 -28.79 -10.29
N GLN C 53 -22.55 -30.02 -9.79
CA GLN C 53 -23.82 -30.73 -9.69
C GLN C 53 -24.64 -30.16 -8.57
N LEU C 54 -24.01 -29.83 -7.45
CA LEU C 54 -24.80 -29.42 -6.29
C LEU C 54 -25.49 -28.06 -6.51
N VAL C 55 -24.91 -27.18 -7.33
CA VAL C 55 -25.53 -25.89 -7.60
C VAL C 55 -26.38 -25.95 -8.85
N GLY C 56 -26.16 -26.93 -9.71
CA GLY C 56 -26.91 -27.01 -10.95
C GLY C 56 -26.61 -25.88 -11.91
N GLU C 57 -27.29 -25.94 -13.05
CA GLU C 57 -26.87 -25.15 -14.21
C GLU C 57 -27.18 -23.67 -14.05
N LYS C 58 -28.20 -23.32 -13.26
CA LYS C 58 -28.41 -21.92 -12.89
C LYS C 58 -27.31 -21.37 -12.00
N GLY C 59 -26.49 -22.23 -11.40
CA GLY C 59 -25.46 -21.80 -10.47
C GLY C 59 -24.13 -21.71 -11.17
N HIS C 60 -23.10 -21.36 -10.39
CA HIS C 60 -21.78 -21.33 -10.97
C HIS C 60 -20.75 -21.68 -9.91
N VAL C 61 -19.69 -22.36 -10.35
CA VAL C 61 -18.55 -22.68 -9.52
C VAL C 61 -17.32 -22.04 -10.18
N THR C 62 -16.61 -21.22 -9.43
CA THR C 62 -15.30 -20.73 -9.80
C THR C 62 -14.29 -21.39 -8.88
N GLY C 63 -13.26 -21.94 -9.46
CA GLY C 63 -12.13 -22.48 -8.72
C GLY C 63 -10.88 -21.69 -9.06
N ILE C 64 -10.05 -21.50 -8.07
CA ILE C 64 -8.85 -20.70 -8.20
C ILE C 64 -7.74 -21.49 -7.54
N ASP C 65 -6.65 -21.68 -8.27
CA ASP C 65 -5.52 -22.42 -7.75
C ASP C 65 -4.24 -21.69 -8.11
N MET C 66 -3.25 -21.78 -7.21
CA MET C 66 -2.03 -21.05 -7.50
C MET C 66 -1.11 -21.79 -8.45
N THR C 67 -1.45 -23.02 -8.82
CA THR C 67 -0.57 -23.86 -9.62
C THR C 67 -1.15 -24.07 -11.00
N LYS C 68 -0.54 -23.45 -12.01
CA LYS C 68 -1.02 -23.46 -13.40
C LYS C 68 -1.27 -24.88 -13.91
N GLY C 69 -0.45 -25.82 -13.47
CA GLY C 69 -0.62 -27.18 -13.94
C GLY C 69 -1.89 -27.85 -13.43
N GLN C 70 -2.19 -27.65 -12.15
CA GLN C 70 -3.49 -28.04 -11.61
C GLN C 70 -4.65 -27.46 -12.42
N VAL C 71 -4.58 -26.18 -12.76
CA VAL C 71 -5.67 -25.56 -13.49
C VAL C 71 -5.81 -26.22 -14.85
N GLU C 72 -4.67 -26.53 -15.49
CA GLU C 72 -4.71 -27.16 -16.79
C GLU C 72 -5.37 -28.54 -16.72
N VAL C 73 -5.00 -29.34 -15.70
CA VAL C 73 -5.60 -30.66 -15.53
C VAL C 73 -7.10 -30.55 -15.30
N ALA C 74 -7.51 -29.70 -14.34
CA ALA C 74 -8.92 -29.50 -14.06
C ALA C 74 -9.70 -29.16 -15.33
N GLU C 75 -9.18 -28.21 -16.12
CA GLU C 75 -9.88 -27.78 -17.34
C GLU C 75 -9.90 -28.88 -18.40
N LYS C 76 -8.97 -29.83 -18.32
CA LYS C 76 -9.02 -30.96 -19.24
C LYS C 76 -10.37 -31.67 -19.18
N TYR C 77 -11.01 -31.67 -18.00
CA TYR C 77 -12.17 -32.50 -17.74
C TYR C 77 -13.49 -31.73 -17.73
N LEU C 78 -13.47 -30.44 -18.13
CA LEU C 78 -14.68 -29.64 -18.18
C LEU C 78 -15.75 -30.30 -19.04
N ASP C 79 -15.41 -30.61 -20.28
CA ASP C 79 -16.41 -31.18 -21.17
C ASP C 79 -16.89 -32.54 -20.70
N TYR C 80 -15.97 -33.41 -20.23
CA TYR C 80 -16.41 -34.69 -19.69
C TYR C 80 -17.52 -34.48 -18.67
N HIS C 81 -17.28 -33.63 -17.67
CA HIS C 81 -18.25 -33.52 -16.59
C HIS C 81 -19.50 -32.74 -17.02
N MET C 82 -19.36 -31.76 -17.92
CA MET C 82 -20.55 -31.06 -18.39
C MET C 82 -21.45 -31.99 -19.21
N GLU C 83 -20.86 -32.90 -20.01
CA GLU C 83 -21.66 -33.93 -20.68
C GLU C 83 -22.35 -34.84 -19.66
N LYS C 84 -21.55 -35.49 -18.80
CA LYS C 84 -22.09 -36.43 -17.82
C LYS C 84 -23.24 -35.81 -17.02
N TYR C 85 -23.16 -34.50 -16.74
CA TYR C 85 -24.18 -33.86 -15.93
C TYR C 85 -25.36 -33.39 -16.75
N GLY C 86 -25.32 -33.57 -18.08
CA GLY C 86 -26.38 -33.10 -18.94
C GLY C 86 -26.55 -31.58 -18.99
N PHE C 87 -25.47 -30.83 -18.79
CA PHE C 87 -25.54 -29.37 -18.78
C PHE C 87 -25.34 -28.82 -20.19
N GLN C 88 -26.17 -27.83 -20.56
CA GLN C 88 -26.07 -27.23 -21.88
C GLN C 88 -24.73 -26.51 -22.06
N ALA C 89 -24.34 -25.67 -21.09
CA ALA C 89 -23.02 -25.04 -21.07
C ALA C 89 -22.33 -25.30 -19.74
N SER C 90 -21.04 -24.99 -19.68
CA SER C 90 -20.28 -25.20 -18.45
C SER C 90 -20.73 -24.22 -17.38
N ASN C 91 -20.83 -24.72 -16.15
CA ASN C 91 -21.04 -23.84 -15.01
C ASN C 91 -19.82 -23.77 -14.11
N VAL C 92 -18.64 -24.21 -14.56
CA VAL C 92 -17.44 -24.01 -13.76
C VAL C 92 -16.39 -23.31 -14.59
N THR C 93 -15.70 -22.39 -13.95
CA THR C 93 -14.55 -21.71 -14.49
C THR C 93 -13.40 -21.93 -13.53
N PHE C 94 -12.23 -22.23 -14.11
CA PHE C 94 -11.02 -22.42 -13.34
C PHE C 94 -10.08 -21.27 -13.65
N ILE C 95 -9.48 -20.73 -12.62
CA ILE C 95 -8.60 -19.60 -12.70
C ILE C 95 -7.26 -19.96 -12.08
N HIS C 96 -6.18 -19.57 -12.74
CA HIS C 96 -4.88 -19.62 -12.12
C HIS C 96 -4.63 -18.27 -11.46
N GLY C 97 -4.51 -18.27 -10.13
CA GLY C 97 -4.40 -17.04 -9.38
C GLY C 97 -4.05 -17.35 -7.94
N TYR C 98 -3.55 -16.34 -7.24
CA TYR C 98 -3.21 -16.50 -5.83
C TYR C 98 -4.41 -16.02 -4.99
N ILE C 99 -4.70 -16.71 -3.90
CA ILE C 99 -5.98 -16.48 -3.24
C ILE C 99 -5.96 -15.15 -2.51
N GLU C 100 -4.80 -14.71 -2.01
CA GLU C 100 -4.83 -13.39 -1.41
C GLU C 100 -4.91 -12.27 -2.46
N LYS C 101 -5.01 -12.58 -3.76
CA LYS C 101 -5.16 -11.53 -4.78
C LYS C 101 -6.32 -11.87 -5.73
N LEU C 102 -7.50 -12.06 -5.15
CA LEU C 102 -8.65 -12.44 -5.96
C LEU C 102 -9.00 -11.36 -6.98
N GLY C 103 -8.69 -10.10 -6.67
CA GLY C 103 -8.92 -9.03 -7.64
C GLY C 103 -8.12 -9.24 -8.90
N GLU C 104 -6.81 -9.46 -8.75
CA GLU C 104 -5.98 -9.77 -9.91
C GLU C 104 -6.46 -11.04 -10.59
N ALA C 105 -7.11 -11.95 -9.85
CA ALA C 105 -7.67 -13.13 -10.49
C ALA C 105 -8.80 -12.79 -11.45
N GLY C 106 -9.40 -11.61 -11.32
CA GLY C 106 -10.55 -11.25 -12.12
C GLY C 106 -11.90 -11.48 -11.49
N ILE C 107 -11.96 -11.82 -10.20
CA ILE C 107 -13.22 -12.09 -9.54
C ILE C 107 -13.80 -10.77 -9.02
N LYS C 108 -15.02 -10.44 -9.48
CA LYS C 108 -15.61 -9.11 -9.14
C LYS C 108 -16.12 -9.04 -7.71
N ASN C 109 -16.36 -7.81 -7.22
CA ASN C 109 -16.91 -7.62 -5.86
C ASN C 109 -18.37 -8.10 -5.86
N GLU C 110 -18.83 -8.69 -4.75
CA GLU C 110 -20.25 -9.09 -4.62
C GLU C 110 -20.67 -9.96 -5.83
N SER C 111 -19.85 -10.95 -6.16
CA SER C 111 -20.14 -11.82 -7.35
C SER C 111 -20.47 -13.25 -6.90
N HIS C 112 -20.15 -13.62 -5.65
CA HIS C 112 -20.36 -14.99 -5.23
C HIS C 112 -21.14 -15.04 -3.93
N ASP C 113 -22.12 -15.95 -3.89
CA ASP C 113 -22.91 -16.18 -2.68
C ASP C 113 -22.12 -16.87 -1.60
N ILE C 114 -21.15 -17.73 -1.97
CA ILE C 114 -20.44 -18.54 -0.96
C ILE C 114 -18.98 -18.69 -1.32
N VAL C 115 -18.11 -18.73 -0.31
CA VAL C 115 -16.68 -18.99 -0.46
C VAL C 115 -16.33 -20.18 0.44
N VAL C 116 -15.76 -21.24 -0.15
CA VAL C 116 -15.27 -22.40 0.58
C VAL C 116 -13.78 -22.60 0.22
N SER C 117 -13.11 -23.49 0.94
CA SER C 117 -11.68 -23.59 0.66
C SER C 117 -11.16 -25.01 0.89
N ASN C 118 -10.06 -25.31 0.21
CA ASN C 118 -9.25 -26.50 0.48
C ASN C 118 -8.35 -26.20 1.67
N CYS C 119 -8.09 -27.22 2.49
CA CYS C 119 -7.35 -26.95 3.73
C CYS C 119 -5.90 -26.55 3.49
N VAL C 120 -5.34 -26.75 2.28
CA VAL C 120 -4.03 -26.17 1.96
C VAL C 120 -4.03 -24.66 2.16
N ILE C 121 -5.20 -24.02 2.04
CA ILE C 121 -5.37 -22.57 2.19
C ILE C 121 -5.07 -22.13 3.61
N ASN C 122 -5.25 -23.02 4.59
CA ASN C 122 -4.89 -22.72 5.96
C ASN C 122 -3.39 -22.57 6.15
N LEU C 123 -2.62 -22.75 5.07
CA LEU C 123 -1.17 -22.62 5.07
C LEU C 123 -0.70 -21.37 4.32
N VAL C 124 -1.48 -20.29 4.37
CA VAL C 124 -0.99 -18.97 4.01
C VAL C 124 -0.24 -18.43 5.22
N PRO C 125 0.65 -17.47 5.05
CA PRO C 125 1.06 -16.68 6.21
C PRO C 125 0.01 -15.66 6.62
N ASP C 126 -0.72 -15.09 5.66
CA ASP C 126 -1.60 -13.94 5.90
C ASP C 126 -3.06 -14.35 5.79
N LYS C 127 -3.68 -14.68 6.94
CA LYS C 127 -5.09 -15.02 6.95
C LYS C 127 -5.99 -13.79 6.74
N GLN C 128 -5.70 -12.68 7.41
CA GLN C 128 -6.50 -11.46 7.27
C GLN C 128 -6.69 -11.04 5.81
N GLN C 129 -5.64 -11.11 4.98
CA GLN C 129 -5.78 -10.65 3.61
C GLN C 129 -6.72 -11.55 2.83
N VAL C 130 -6.68 -12.86 3.14
CA VAL C 130 -7.60 -13.84 2.56
C VAL C 130 -9.03 -13.52 2.96
N LEU C 131 -9.24 -13.16 4.22
CA LEU C 131 -10.57 -12.83 4.69
C LEU C 131 -11.08 -11.55 4.05
N GLN C 132 -10.20 -10.56 3.85
CA GLN C 132 -10.62 -9.33 3.17
C GLN C 132 -11.04 -9.63 1.75
N GLU C 133 -10.31 -10.51 1.07
CA GLU C 133 -10.71 -10.81 -0.31
C GLU C 133 -12.01 -11.61 -0.32
N ALA C 134 -12.19 -12.50 0.66
CA ALA C 134 -13.44 -13.24 0.72
C ALA C 134 -14.60 -12.32 1.02
N TYR C 135 -14.41 -11.39 1.94
CA TYR C 135 -15.46 -10.39 2.23
C TYR C 135 -15.83 -9.64 0.94
N ARG C 136 -14.82 -9.15 0.21
CA ARG C 136 -15.08 -8.31 -0.99
C ARG C 136 -15.84 -9.09 -2.08
N VAL C 137 -15.47 -10.34 -2.34
CA VAL C 137 -16.10 -11.09 -3.48
C VAL C 137 -17.47 -11.63 -3.07
N LEU C 138 -17.76 -11.66 -1.76
CA LEU C 138 -19.03 -12.18 -1.28
C LEU C 138 -20.19 -11.18 -1.49
N LYS C 139 -21.30 -11.67 -2.04
CA LYS C 139 -22.53 -10.88 -2.10
C LYS C 139 -23.07 -10.58 -0.69
N HIS C 140 -23.97 -9.61 -0.61
CA HIS C 140 -24.72 -9.36 0.63
C HIS C 140 -25.47 -10.62 1.03
N GLY C 141 -25.36 -10.98 2.31
CA GLY C 141 -25.98 -12.20 2.82
C GLY C 141 -25.22 -13.49 2.53
N GLY C 142 -24.05 -13.41 1.88
CA GLY C 142 -23.27 -14.60 1.57
C GLY C 142 -22.41 -15.02 2.72
N GLU C 143 -21.80 -16.20 2.58
CA GLU C 143 -20.99 -16.72 3.67
C GLU C 143 -19.65 -17.26 3.21
N LEU C 144 -18.63 -16.98 4.02
CA LEU C 144 -17.38 -17.71 4.02
C LEU C 144 -17.57 -18.91 4.93
N TYR C 145 -17.36 -20.10 4.41
CA TYR C 145 -17.66 -21.33 5.15
C TYR C 145 -16.42 -22.21 5.07
N PHE C 146 -15.73 -22.39 6.20
CA PHE C 146 -14.36 -22.94 6.09
C PHE C 146 -13.85 -23.52 7.40
N SER C 147 -12.95 -24.50 7.25
CA SER C 147 -12.28 -25.19 8.36
C SER C 147 -10.80 -24.81 8.43
N ASP C 148 -10.30 -24.66 9.65
CA ASP C 148 -8.92 -24.23 9.83
C ASP C 148 -8.46 -24.62 11.23
N VAL C 149 -7.19 -24.35 11.51
CA VAL C 149 -6.57 -24.71 12.79
C VAL C 149 -6.41 -23.46 13.62
N TYR C 150 -6.78 -23.57 14.89
CA TYR C 150 -6.67 -22.50 15.86
C TYR C 150 -5.96 -23.07 17.07
N THR C 151 -5.47 -22.15 17.91
CA THR C 151 -4.68 -22.47 19.09
C THR C 151 -5.39 -22.02 20.34
N SER C 152 -5.07 -22.69 21.44
CA SER C 152 -5.70 -22.37 22.70
C SER C 152 -5.07 -21.17 23.35
N LEU C 153 -3.82 -20.84 23.01
CA LEU C 153 -3.11 -19.73 23.64
C LEU C 153 -2.43 -18.93 22.53
N GLU C 154 -2.10 -17.68 22.85
CA GLU C 154 -1.45 -16.81 21.86
C GLU C 154 0.02 -17.17 21.80
N LEU C 155 0.43 -17.88 20.76
CA LEU C 155 1.83 -18.28 20.71
C LEU C 155 2.70 -17.08 20.36
N PRO C 156 3.91 -16.98 20.92
CA PRO C 156 4.83 -15.92 20.50
C PRO C 156 5.24 -16.12 19.06
N GLU C 157 5.69 -15.04 18.43
CA GLU C 157 6.17 -15.11 17.06
C GLU C 157 7.34 -16.09 16.93
N GLU C 158 8.24 -16.11 17.93
CA GLU C 158 9.38 -17.02 17.89
C GLU C 158 8.95 -18.48 17.83
N ILE C 159 7.72 -18.79 18.19
CA ILE C 159 7.23 -20.16 18.10
C ILE C 159 6.44 -20.38 16.82
N ARG C 160 5.71 -19.36 16.35
CA ARG C 160 5.03 -19.48 15.06
C ARG C 160 6.02 -19.49 13.90
N THR C 161 7.18 -18.90 14.07
CA THR C 161 8.18 -18.97 13.02
C THR C 161 8.99 -20.27 13.08
N HIS C 162 8.65 -21.18 13.99
CA HIS C 162 9.48 -22.35 14.22
C HIS C 162 9.28 -23.39 13.12
N LYS C 163 10.39 -23.93 12.62
CA LYS C 163 10.36 -24.89 11.51
C LYS C 163 9.65 -26.18 11.89
N VAL C 164 9.68 -26.57 13.17
CA VAL C 164 8.89 -27.72 13.58
C VAL C 164 7.40 -27.47 13.38
N LEU C 165 6.92 -26.35 13.94
CA LEU C 165 5.51 -25.98 13.80
C LEU C 165 5.10 -25.96 12.34
N TRP C 166 5.85 -25.23 11.51
CA TRP C 166 5.54 -25.22 10.09
C TRP C 166 5.68 -26.61 9.47
N GLY C 167 6.46 -27.49 10.08
CA GLY C 167 6.60 -28.84 9.56
C GLY C 167 5.36 -29.69 9.75
N GLU C 168 4.54 -29.35 10.75
CA GLU C 168 3.31 -30.10 11.01
C GLU C 168 2.08 -29.44 10.40
N CYS C 169 2.26 -28.47 9.50
CA CYS C 169 1.17 -27.68 8.90
C CYS C 169 0.41 -26.84 9.92
N LEU C 170 0.90 -26.77 11.15
CA LEU C 170 0.33 -25.88 12.16
C LEU C 170 0.90 -24.47 12.05
N GLY C 171 1.60 -24.16 10.96
CA GLY C 171 2.01 -22.79 10.72
C GLY C 171 0.83 -21.96 10.27
N GLY C 172 0.80 -20.72 10.73
CA GLY C 172 -0.28 -19.81 10.40
C GLY C 172 -1.53 -19.94 11.23
N ALA C 173 -1.57 -20.90 12.16
CA ALA C 173 -2.73 -21.06 13.03
C ALA C 173 -2.98 -19.79 13.83
N LEU C 174 -4.24 -19.37 13.92
CA LEU C 174 -4.61 -18.22 14.75
C LEU C 174 -4.95 -18.67 16.16
N TYR C 175 -4.66 -17.80 17.11
CA TYR C 175 -5.31 -17.88 18.41
C TYR C 175 -6.80 -17.69 18.18
N TRP C 176 -7.62 -18.55 18.77
CA TRP C 176 -9.01 -18.64 18.32
C TRP C 176 -9.78 -17.33 18.54
N LYS C 177 -9.51 -16.63 19.66
CA LYS C 177 -10.12 -15.32 19.88
C LYS C 177 -9.80 -14.31 18.78
N GLU C 178 -8.74 -14.56 18.00
CA GLU C 178 -8.39 -13.65 16.92
C GLU C 178 -9.41 -13.66 15.79
N LEU C 179 -10.05 -14.81 15.51
CA LEU C 179 -10.97 -14.87 14.36
C LEU C 179 -12.05 -13.81 14.48
N ALA C 180 -12.69 -13.73 15.64
CA ALA C 180 -13.76 -12.74 15.79
C ALA C 180 -13.25 -11.32 15.61
N VAL C 181 -12.05 -11.01 16.15
CA VAL C 181 -11.46 -9.67 15.96
C VAL C 181 -11.35 -9.34 14.47
N LEU C 182 -10.80 -10.28 13.70
CA LEU C 182 -10.65 -10.02 12.27
C LEU C 182 -12.00 -9.78 11.62
N ALA C 183 -13.01 -10.58 11.97
CA ALA C 183 -14.33 -10.39 11.39
C ALA C 183 -14.88 -9.02 11.75
N GLN C 184 -14.69 -8.62 13.02
CA GLN C 184 -15.18 -7.32 13.46
C GLN C 184 -14.56 -6.23 12.61
N LYS C 185 -13.27 -6.31 12.37
CA LYS C 185 -12.61 -5.23 11.66
C LYS C 185 -12.84 -5.32 10.16
N ILE C 186 -13.13 -6.49 9.63
CA ILE C 186 -13.26 -6.62 8.18
C ILE C 186 -14.68 -6.31 7.72
N GLY C 187 -15.70 -6.63 8.54
CA GLY C 187 -17.07 -6.43 8.16
C GLY C 187 -17.93 -7.69 8.26
N PHE C 188 -17.37 -8.79 8.74
CA PHE C 188 -18.16 -9.98 8.95
C PHE C 188 -18.94 -9.88 10.25
N CYS C 189 -20.10 -10.57 10.29
CA CYS C 189 -20.82 -10.86 11.53
C CYS C 189 -19.90 -11.71 12.40
N PRO C 190 -20.21 -11.91 13.66
CA PRO C 190 -19.39 -12.79 14.49
C PRO C 190 -19.36 -14.21 13.93
N PRO C 191 -18.20 -14.85 14.00
CA PRO C 191 -18.07 -16.23 13.48
C PRO C 191 -19.05 -17.18 14.16
N ARG C 192 -19.75 -17.96 13.34
CA ARG C 192 -20.58 -19.05 13.84
C ARG C 192 -19.69 -20.28 13.91
N LEU C 193 -19.38 -20.70 15.12
CA LEU C 193 -18.72 -21.98 15.35
C LEU C 193 -19.68 -23.11 15.01
N VAL C 194 -19.28 -24.02 14.12
CA VAL C 194 -20.14 -25.13 13.75
C VAL C 194 -19.61 -26.39 14.42
N THR C 195 -18.34 -26.73 14.21
CA THR C 195 -17.76 -27.96 14.76
C THR C 195 -16.26 -27.77 15.03
N ALA C 196 -15.72 -28.63 15.87
CA ALA C 196 -14.38 -28.50 16.42
C ALA C 196 -13.89 -29.87 16.87
N ASN C 197 -12.67 -30.24 16.47
CA ASN C 197 -12.02 -31.46 16.91
C ASN C 197 -10.61 -31.14 17.34
N LEU C 198 -10.23 -31.54 18.56
CA LEU C 198 -8.86 -31.35 19.02
C LEU C 198 -7.90 -32.09 18.11
N ILE C 199 -6.74 -31.49 17.89
CA ILE C 199 -5.64 -32.12 17.17
C ILE C 199 -4.69 -32.70 18.19
N THR C 200 -4.34 -33.98 18.03
CA THR C 200 -3.34 -34.59 18.88
C THR C 200 -1.98 -34.35 18.26
N ILE C 201 -0.99 -34.12 19.10
CA ILE C 201 0.37 -33.83 18.65
C ILE C 201 1.20 -35.07 18.93
N GLN C 202 1.57 -35.79 17.85
CA GLN C 202 2.42 -36.97 17.95
C GLN C 202 3.90 -36.61 18.00
N ASN C 203 4.24 -35.36 17.67
CA ASN C 203 5.62 -34.90 17.52
C ASN C 203 6.21 -34.58 18.88
N LYS C 204 7.38 -35.14 19.18
CA LYS C 204 7.91 -34.93 20.53
C LYS C 204 8.58 -33.56 20.68
N GLU C 205 9.37 -33.12 19.70
CA GLU C 205 9.94 -31.78 19.77
C GLU C 205 8.85 -30.72 19.83
N LEU C 206 7.79 -30.88 19.02
CA LEU C 206 6.69 -29.94 19.08
C LEU C 206 6.04 -29.94 20.46
N GLU C 207 5.83 -31.12 21.04
CA GLU C 207 5.36 -31.24 22.42
C GLU C 207 6.17 -30.31 23.33
N ARG C 208 7.49 -30.30 23.13
CA ARG C 208 8.33 -29.42 23.92
C ARG C 208 8.03 -27.95 23.62
N VAL C 209 7.97 -27.59 22.34
CA VAL C 209 8.02 -26.17 21.95
C VAL C 209 6.72 -25.45 22.28
N ILE C 210 5.58 -26.11 22.12
CA ILE C 210 4.33 -25.35 22.29
C ILE C 210 3.92 -25.28 23.76
N GLY C 211 4.22 -26.28 24.55
CA GLY C 211 4.02 -26.18 26.00
C GLY C 211 2.63 -26.65 26.39
N ASP C 212 1.85 -25.75 27.00
CA ASP C 212 0.48 -26.07 27.37
C ASP C 212 -0.52 -25.71 26.28
N CYS C 213 -0.05 -25.12 25.19
CA CYS C 213 -0.93 -24.74 24.09
C CYS C 213 -1.48 -25.98 23.36
N ARG C 214 -2.75 -25.92 22.99
CA ARG C 214 -3.38 -26.98 22.21
C ARG C 214 -3.87 -26.43 20.88
N PHE C 215 -4.23 -27.35 20.01
CA PHE C 215 -4.63 -27.02 18.66
C PHE C 215 -5.95 -27.68 18.35
N VAL C 216 -6.78 -26.98 17.58
CA VAL C 216 -8.09 -27.48 17.24
C VAL C 216 -8.38 -27.20 15.76
N SER C 217 -9.05 -28.15 15.12
CA SER C 217 -9.57 -28.00 13.77
C SER C 217 -11.03 -27.65 13.93
N ALA C 218 -11.45 -26.54 13.33
CA ALA C 218 -12.77 -26.02 13.62
C ALA C 218 -13.32 -25.33 12.38
N THR C 219 -14.63 -25.41 12.25
CA THR C 219 -15.37 -24.89 11.09
C THR C 219 -16.18 -23.66 11.50
N PHE C 220 -16.04 -22.57 10.75
CA PHE C 220 -16.85 -21.39 11.04
C PHE C 220 -17.54 -20.88 9.79
N ARG C 221 -18.74 -20.36 10.03
CA ARG C 221 -19.47 -19.59 9.04
C ARG C 221 -19.29 -18.12 9.37
N LEU C 222 -18.84 -17.35 8.38
CA LEU C 222 -18.68 -15.90 8.48
C LEU C 222 -19.63 -15.29 7.48
N PHE C 223 -20.62 -14.54 7.97
CA PHE C 223 -21.59 -13.93 7.08
C PHE C 223 -21.29 -12.46 6.83
N LYS C 224 -21.64 -12.02 5.64
CA LYS C 224 -21.48 -10.64 5.22
C LYS C 224 -22.89 -10.06 5.04
N HIS C 225 -23.27 -9.11 5.90
CA HIS C 225 -24.48 -8.35 5.58
C HIS C 225 -24.45 -7.01 6.32
N SER C 226 -25.41 -6.16 5.94
CA SER C 226 -25.45 -4.75 6.31
C SER C 226 -26.73 -4.46 7.10
N LYS C 227 -26.67 -3.44 7.95
CA LYS C 227 -27.76 -3.12 8.89
C LYS C 227 -28.63 -2.00 8.32
N THR C 228 -29.59 -2.41 7.48
CA THR C 228 -30.50 -1.51 6.79
C THR C 228 -31.60 -0.94 7.69
N GLY C 229 -31.67 -1.36 8.95
CA GLY C 229 -32.77 -1.00 9.80
C GLY C 229 -32.66 -1.72 11.13
N PRO C 230 -33.51 -1.36 12.08
CA PRO C 230 -33.47 -2.03 13.36
C PRO C 230 -33.90 -3.49 13.21
N THR C 231 -33.34 -4.34 14.05
CA THR C 231 -33.67 -5.75 14.07
C THR C 231 -34.20 -6.06 15.46
N LYS C 232 -35.32 -6.78 15.54
CA LYS C 232 -35.76 -7.27 16.83
C LYS C 232 -35.36 -8.73 16.98
N ARG C 233 -35.51 -9.27 18.19
CA ARG C 233 -35.47 -10.72 18.32
C ARG C 233 -36.66 -11.30 17.57
N CYS C 234 -36.45 -12.49 17.00
CA CYS C 234 -37.41 -13.06 16.07
C CYS C 234 -37.68 -14.52 16.43
N GLN C 235 -38.74 -15.06 15.87
CA GLN C 235 -38.94 -16.50 15.86
C GLN C 235 -38.84 -16.98 14.42
N VAL C 236 -38.31 -18.18 14.28
CA VAL C 236 -38.09 -18.81 12.98
C VAL C 236 -38.62 -20.23 13.05
N ILE C 237 -39.19 -20.68 11.94
CA ILE C 237 -39.62 -22.06 11.74
C ILE C 237 -38.98 -22.56 10.47
N TYR C 238 -38.21 -23.65 10.57
CA TYR C 238 -37.59 -24.27 9.41
C TYR C 238 -38.67 -25.05 8.64
N ASN C 239 -38.91 -24.67 7.37
CA ASN C 239 -39.90 -25.31 6.50
C ASN C 239 -39.46 -26.69 6.00
N GLY C 240 -38.24 -27.12 6.30
CA GLY C 240 -37.89 -28.50 6.08
C GLY C 240 -37.60 -28.94 4.66
N GLY C 241 -37.20 -28.04 3.78
CA GLY C 241 -36.87 -28.52 2.46
C GLY C 241 -35.50 -28.18 1.90
N ILE C 242 -34.46 -28.16 2.73
CA ILE C 242 -33.08 -28.07 2.24
C ILE C 242 -32.61 -29.47 1.88
N THR C 243 -32.18 -29.68 0.64
CA THR C 243 -31.64 -30.98 0.22
C THR C 243 -30.68 -31.59 1.23
N GLY C 244 -31.00 -32.82 1.65
CA GLY C 244 -30.24 -33.54 2.65
C GLY C 244 -30.37 -33.06 4.08
N HIS C 245 -31.18 -32.03 4.36
CA HIS C 245 -31.39 -31.68 5.75
C HIS C 245 -32.86 -31.38 6.00
N GLU C 246 -33.75 -32.19 5.37
CA GLU C 246 -35.19 -32.00 5.48
C GLU C 246 -35.68 -31.98 6.94
N LYS C 247 -35.29 -32.98 7.73
CA LYS C 247 -35.87 -33.08 9.07
C LYS C 247 -35.33 -32.02 10.01
N GLU C 248 -34.09 -31.57 9.81
CA GLU C 248 -33.58 -30.52 10.68
C GLU C 248 -32.33 -29.97 10.07
N LEU C 249 -32.05 -28.71 10.41
CA LEU C 249 -30.93 -27.94 9.87
C LEU C 249 -30.02 -27.62 11.05
N MET C 250 -28.84 -28.25 11.12
CA MET C 250 -27.90 -27.88 12.18
C MET C 250 -27.14 -26.67 11.68
N PHE C 251 -27.57 -25.46 12.07
CA PHE C 251 -26.97 -24.26 11.53
C PHE C 251 -25.61 -24.00 12.14
N ASP C 252 -25.53 -23.99 13.47
CA ASP C 252 -24.24 -23.97 14.14
C ASP C 252 -24.38 -24.72 15.46
N ALA C 253 -23.38 -24.61 16.30
CA ALA C 253 -23.36 -25.39 17.52
C ALA C 253 -24.26 -24.82 18.60
N ASN C 254 -24.96 -23.73 18.33
CA ASN C 254 -25.94 -23.17 19.24
C ASN C 254 -27.38 -23.35 18.75
N PHE C 255 -27.58 -23.67 17.47
CA PHE C 255 -28.89 -23.66 16.83
C PHE C 255 -28.99 -24.87 15.91
N THR C 256 -29.74 -25.88 16.33
CA THR C 256 -30.30 -26.85 15.41
C THR C 256 -31.79 -26.59 15.31
N PHE C 257 -32.26 -26.43 14.07
CA PHE C 257 -33.60 -25.99 13.73
C PHE C 257 -34.33 -27.20 13.16
N LYS C 258 -35.13 -27.87 14.01
CA LYS C 258 -35.92 -29.01 13.60
C LYS C 258 -37.16 -28.57 12.83
N GLU C 259 -37.45 -29.23 11.70
CA GLU C 259 -38.58 -28.90 10.83
C GLU C 259 -39.84 -28.57 11.64
N GLY C 260 -40.45 -27.43 11.34
CA GLY C 260 -41.71 -27.09 11.95
C GLY C 260 -41.65 -26.52 13.36
N GLU C 261 -40.56 -26.75 14.12
CA GLU C 261 -40.45 -26.18 15.46
C GLU C 261 -40.27 -24.65 15.46
N ILE C 262 -40.83 -23.99 16.47
CA ILE C 262 -40.77 -22.54 16.61
C ILE C 262 -39.60 -22.23 17.53
N VAL C 263 -38.56 -21.59 17.00
CA VAL C 263 -37.36 -21.24 17.78
C VAL C 263 -37.23 -19.73 17.84
N GLU C 264 -37.06 -19.22 19.07
CA GLU C 264 -36.72 -17.82 19.25
C GLU C 264 -35.22 -17.63 19.02
N VAL C 265 -34.86 -16.62 18.24
CA VAL C 265 -33.46 -16.36 17.94
C VAL C 265 -33.15 -14.89 18.19
N ASP C 266 -31.90 -14.66 18.58
CA ASP C 266 -31.34 -13.33 18.83
C ASP C 266 -31.35 -12.46 17.56
N GLU C 267 -31.04 -11.18 17.77
CA GLU C 267 -31.09 -10.20 16.68
C GLU C 267 -30.13 -10.57 15.56
N GLU C 268 -28.89 -10.94 15.91
CA GLU C 268 -27.93 -11.29 14.84
C GLU C 268 -28.30 -12.57 14.09
N THR C 269 -28.56 -13.67 14.81
CA THR C 269 -28.98 -14.87 14.11
C THR C 269 -30.15 -14.60 13.17
N ALA C 270 -31.08 -13.75 13.61
CA ALA C 270 -32.22 -13.44 12.77
C ALA C 270 -31.81 -12.63 11.56
N ALA C 271 -30.92 -11.64 11.75
CA ALA C 271 -30.43 -10.89 10.60
C ALA C 271 -29.78 -11.81 9.58
N ILE C 272 -28.99 -12.76 10.07
CA ILE C 272 -28.32 -13.69 9.16
C ILE C 272 -29.35 -14.51 8.40
N LEU C 273 -30.32 -15.08 9.12
CA LEU C 273 -31.31 -15.91 8.44
C LEU C 273 -32.15 -15.09 7.47
N LYS C 274 -32.51 -13.85 7.86
CA LYS C 274 -33.29 -12.95 6.98
C LYS C 274 -32.52 -12.54 5.73
N ASN C 275 -31.24 -12.23 5.87
CA ASN C 275 -30.50 -11.64 4.77
C ASN C 275 -29.80 -12.65 3.88
N SER C 276 -29.61 -13.88 4.35
CA SER C 276 -28.96 -14.92 3.60
C SER C 276 -29.95 -15.61 2.66
N ARG C 277 -29.45 -16.64 1.98
CA ARG C 277 -30.23 -17.55 1.16
C ARG C 277 -31.08 -18.50 2.00
N PHE C 278 -30.85 -18.58 3.31
CA PHE C 278 -31.67 -19.45 4.15
C PHE C 278 -33.07 -18.90 4.36
N ALA C 279 -33.31 -17.65 3.98
CA ALA C 279 -34.59 -17.03 4.27
C ALA C 279 -35.74 -17.76 3.58
N GLN C 280 -35.51 -18.20 2.33
CA GLN C 280 -36.46 -19.05 1.62
C GLN C 280 -36.86 -20.29 2.42
N ASP C 281 -36.05 -20.72 3.39
CA ASP C 281 -36.20 -21.98 4.09
C ASP C 281 -36.80 -21.82 5.47
N PHE C 282 -37.08 -20.61 5.88
CA PHE C 282 -37.64 -20.37 7.19
C PHE C 282 -38.85 -19.44 7.08
N LEU C 283 -39.82 -19.66 7.94
CA LEU C 283 -40.82 -18.65 8.25
C LEU C 283 -40.23 -17.84 9.38
N ILE C 284 -40.18 -16.52 9.21
CA ILE C 284 -39.55 -15.64 10.19
C ILE C 284 -40.53 -14.55 10.59
N ARG C 285 -40.92 -14.53 11.86
CA ARG C 285 -41.83 -13.54 12.41
C ARG C 285 -41.11 -12.81 13.52
N PRO C 286 -41.21 -11.49 13.60
CA PRO C 286 -40.64 -10.79 14.77
C PRO C 286 -41.51 -11.01 16.00
N ILE C 287 -40.87 -11.10 17.15
CA ILE C 287 -41.60 -11.36 18.38
C ILE C 287 -41.27 -10.30 19.45
N ASP C 304 -25.38 -20.00 27.75
CA ASP C 304 -25.27 -21.31 27.10
C ASP C 304 -24.72 -21.25 25.67
N ILE C 305 -24.34 -20.06 25.20
CA ILE C 305 -23.87 -19.86 23.83
C ILE C 305 -22.37 -20.20 23.74
N ILE C 306 -22.05 -21.29 23.06
CA ILE C 306 -20.65 -21.71 22.88
C ILE C 306 -20.01 -20.86 21.78
N THR C 307 -18.77 -20.42 22.02
CA THR C 307 -17.97 -19.72 21.01
C THR C 307 -16.58 -20.32 20.91
N ASP C 308 -16.15 -20.88 22.03
CA ASP C 308 -14.81 -21.36 22.28
C ASP C 308 -14.70 -22.75 21.67
N PRO C 309 -13.93 -22.90 20.58
CA PRO C 309 -13.86 -24.20 19.89
C PRO C 309 -13.21 -25.30 20.71
N PHE C 310 -12.44 -24.96 21.76
CA PHE C 310 -11.86 -26.00 22.59
C PHE C 310 -12.88 -26.57 23.57
N LYS C 311 -13.72 -25.71 24.16
CA LYS C 311 -14.87 -26.19 24.92
C LYS C 311 -15.77 -27.07 24.07
N LEU C 312 -16.08 -26.61 22.85
CA LEU C 312 -16.89 -27.39 21.93
C LEU C 312 -16.26 -28.76 21.67
N ALA C 313 -14.96 -28.80 21.34
CA ALA C 313 -14.35 -30.09 21.01
C ALA C 313 -14.26 -31.00 22.23
N GLU C 314 -14.00 -30.44 23.41
CA GLU C 314 -13.87 -31.27 24.61
C GLU C 314 -15.15 -32.03 24.92
N GLU C 315 -16.32 -31.46 24.57
CA GLU C 315 -17.58 -32.03 25.02
C GLU C 315 -18.14 -33.20 24.19
N SER C 316 -17.52 -33.57 23.06
CA SER C 316 -17.94 -34.76 22.32
C SER C 316 -17.97 -35.99 23.22
N PRO D 1 -34.16 24.57 15.99
CA PRO D 1 -35.46 24.50 15.27
C PRO D 1 -35.30 24.32 13.76
N VAL D 2 -35.84 23.24 13.23
CA VAL D 2 -35.66 22.90 11.81
C VAL D 2 -36.25 23.99 10.94
N PRO D 3 -35.41 24.72 10.21
CA PRO D 3 -35.91 25.74 9.28
C PRO D 3 -37.00 25.20 8.34
N LYS D 4 -37.94 26.06 8.00
CA LYS D 4 -39.12 25.57 7.27
C LYS D 4 -38.72 24.84 5.99
N HIS D 5 -37.79 25.42 5.20
CA HIS D 5 -37.53 24.86 3.87
C HIS D 5 -36.98 23.44 3.98
N ILE D 6 -36.30 23.14 5.07
CA ILE D 6 -35.87 21.76 5.28
C ILE D 6 -37.08 20.89 5.64
N ARG D 7 -37.91 21.35 6.57
CA ARG D 7 -39.13 20.63 6.95
C ARG D 7 -39.93 20.24 5.72
N GLU D 8 -40.08 21.19 4.80
CA GLU D 8 -40.92 20.98 3.63
C GLU D 8 -40.25 20.08 2.62
N ALA D 9 -38.93 20.20 2.46
CA ALA D 9 -38.23 19.26 1.61
C ALA D 9 -38.39 17.83 2.14
N LEU D 10 -38.38 17.66 3.47
CA LEU D 10 -38.64 16.34 4.06
C LEU D 10 -40.05 15.87 3.71
N GLN D 11 -41.04 16.74 3.91
CA GLN D 11 -42.41 16.31 3.61
C GLN D 11 -42.58 15.87 2.16
N ASN D 12 -41.70 16.30 1.26
CA ASN D 12 -41.86 16.05 -0.15
C ASN D 12 -41.11 14.83 -0.68
N VAL D 13 -40.54 13.99 0.18
CA VAL D 13 -40.00 12.71 -0.30
C VAL D 13 -41.12 11.68 -0.31
N HIS D 14 -41.20 10.92 -1.39
CA HIS D 14 -42.15 9.81 -1.47
C HIS D 14 -42.20 9.00 -0.19
N GLU D 15 -43.42 8.75 0.30
CA GLU D 15 -43.54 8.21 1.64
C GLU D 15 -42.92 6.84 1.76
N GLU D 16 -42.84 6.08 0.68
CA GLU D 16 -42.13 4.81 0.70
C GLU D 16 -40.68 5.03 1.10
N VAL D 17 -40.01 5.92 0.37
CA VAL D 17 -38.61 6.25 0.65
C VAL D 17 -38.43 6.65 2.11
N ALA D 18 -39.28 7.57 2.59
CA ALA D 18 -39.12 8.05 3.95
C ALA D 18 -39.40 6.94 4.95
N LEU D 19 -40.22 5.97 4.57
CA LEU D 19 -40.58 4.88 5.45
C LEU D 19 -39.37 4.04 5.81
N ARG D 20 -38.52 3.79 4.82
CA ARG D 20 -37.33 2.94 4.86
C ARG D 20 -36.08 3.63 5.49
N TYR D 21 -36.23 4.71 6.24
CA TYR D 21 -35.12 5.51 6.69
C TYR D 21 -34.59 4.96 8.03
N TYR D 22 -33.36 4.49 8.03
CA TYR D 22 -32.61 4.23 9.26
C TYR D 22 -31.58 5.34 9.42
N GLY D 23 -31.63 6.04 10.55
CA GLY D 23 -30.66 7.08 10.80
C GLY D 23 -30.92 7.86 12.09
N CYS D 24 -30.06 8.87 12.30
CA CYS D 24 -30.08 9.76 13.46
C CYS D 24 -30.69 11.12 13.16
N GLY D 25 -31.08 11.39 11.93
CA GLY D 25 -31.66 12.67 11.57
C GLY D 25 -30.76 13.40 10.59
N LEU D 26 -31.27 14.42 9.89
CA LEU D 26 -30.45 15.17 8.94
C LEU D 26 -29.33 15.93 9.66
N VAL D 27 -28.07 15.61 9.33
CA VAL D 27 -26.95 16.45 9.71
C VAL D 27 -26.44 17.15 8.46
N ILE D 28 -26.74 18.43 8.38
CA ILE D 28 -26.82 19.14 7.11
C ILE D 28 -26.35 20.56 7.39
N PRO D 29 -25.40 21.10 6.63
CA PRO D 29 -24.95 22.48 6.90
C PRO D 29 -25.79 23.53 6.16
N GLU D 30 -25.41 24.80 6.27
CA GLU D 30 -26.12 25.93 5.69
C GLU D 30 -25.62 26.29 4.28
N HIS D 31 -26.46 27.02 3.52
CA HIS D 31 -26.14 27.58 2.21
C HIS D 31 -25.79 26.50 1.19
N LEU D 32 -26.84 25.78 0.75
CA LEU D 32 -26.65 24.59 -0.06
C LEU D 32 -26.88 24.81 -1.54
N GLU D 33 -27.49 25.95 -1.91
CA GLU D 33 -27.90 26.20 -3.30
C GLU D 33 -26.72 26.08 -4.25
N ASN D 34 -26.96 25.40 -5.38
CA ASN D 34 -26.03 25.15 -6.49
C ASN D 34 -24.87 24.21 -6.15
N CYS D 35 -24.75 23.74 -4.91
CA CYS D 35 -23.63 22.91 -4.49
C CYS D 35 -23.72 21.49 -5.02
N TRP D 36 -22.54 20.89 -5.09
CA TRP D 36 -22.33 19.46 -5.22
C TRP D 36 -22.07 18.91 -3.83
N ILE D 37 -22.92 17.98 -3.42
CA ILE D 37 -22.96 17.42 -2.08
C ILE D 37 -22.83 15.92 -2.24
N LEU D 38 -21.83 15.34 -1.58
CA LEU D 38 -21.71 13.89 -1.44
C LEU D 38 -22.33 13.43 -0.12
N ASP D 39 -23.27 12.47 -0.21
CA ASP D 39 -23.92 11.85 0.95
C ASP D 39 -23.31 10.47 1.17
N LEU D 40 -22.41 10.37 2.14
CA LEU D 40 -21.83 9.10 2.56
C LEU D 40 -22.90 8.25 3.24
N GLY D 41 -23.18 7.07 2.69
CA GLY D 41 -24.21 6.26 3.29
C GLY D 41 -25.62 6.69 2.92
N SER D 42 -25.91 6.74 1.61
CA SER D 42 -27.18 7.25 1.12
C SER D 42 -28.39 6.38 1.47
N GLY D 43 -28.18 5.17 2.01
CA GLY D 43 -29.29 4.27 2.30
C GLY D 43 -30.26 4.14 1.14
N SER D 44 -31.55 4.10 1.47
CA SER D 44 -32.61 3.94 0.49
C SER D 44 -32.97 5.24 -0.23
N GLY D 45 -32.45 6.39 0.22
CA GLY D 45 -32.54 7.59 -0.59
C GLY D 45 -33.07 8.88 0.02
N ARG D 46 -33.53 8.86 1.28
CA ARG D 46 -34.29 9.98 1.81
C ARG D 46 -33.46 11.26 1.83
N ASP D 47 -32.34 11.27 2.56
CA ASP D 47 -31.51 12.47 2.64
C ASP D 47 -31.15 13.01 1.25
N CYS D 48 -30.84 12.13 0.30
CA CYS D 48 -30.47 12.67 -1.01
C CYS D 48 -31.67 13.34 -1.66
N TYR D 49 -32.88 12.86 -1.40
CA TYR D 49 -34.01 13.48 -2.06
C TYR D 49 -34.39 14.79 -1.40
N VAL D 50 -34.05 14.90 -0.11
CA VAL D 50 -34.10 16.18 0.57
C VAL D 50 -33.10 17.15 -0.06
N LEU D 51 -31.84 16.70 -0.18
CA LEU D 51 -30.79 17.59 -0.67
C LEU D 51 -31.03 17.99 -2.12
N SER D 52 -31.67 17.11 -2.90
CA SER D 52 -31.95 17.42 -4.30
C SER D 52 -32.69 18.73 -4.43
N GLN D 53 -33.69 18.96 -3.56
CA GLN D 53 -34.44 20.19 -3.53
C GLN D 53 -33.60 21.31 -2.95
N LEU D 54 -32.83 20.99 -1.90
CA LEU D 54 -32.14 22.08 -1.21
C LEU D 54 -31.02 22.69 -2.07
N VAL D 55 -30.42 21.91 -2.98
CA VAL D 55 -29.38 22.45 -3.85
C VAL D 55 -29.95 22.92 -5.16
N GLY D 56 -31.15 22.47 -5.52
CA GLY D 56 -31.74 22.85 -6.80
C GLY D 56 -30.97 22.30 -8.00
N GLU D 57 -31.50 22.64 -9.17
CA GLU D 57 -31.14 21.93 -10.38
C GLU D 57 -29.73 22.27 -10.86
N LYS D 58 -29.23 23.47 -10.53
CA LYS D 58 -27.82 23.79 -10.76
C LYS D 58 -26.87 22.97 -9.89
N GLY D 59 -27.38 22.34 -8.83
CA GLY D 59 -26.56 21.61 -7.89
C GLY D 59 -26.58 20.13 -8.22
N HIS D 60 -25.88 19.37 -7.40
CA HIS D 60 -25.92 17.93 -7.58
C HIS D 60 -25.77 17.23 -6.24
N VAL D 61 -26.45 16.09 -6.13
CA VAL D 61 -26.32 15.21 -4.98
C VAL D 61 -25.84 13.86 -5.49
N THR D 62 -24.74 13.38 -4.94
CA THR D 62 -24.28 12.02 -5.12
C THR D 62 -24.47 11.30 -3.80
N GLY D 63 -25.08 10.14 -3.86
CA GLY D 63 -25.20 9.25 -2.72
C GLY D 63 -24.47 7.96 -3.00
N ILE D 64 -23.85 7.45 -1.96
CA ILE D 64 -23.03 6.25 -2.07
C ILE D 64 -23.42 5.36 -0.91
N ASP D 65 -23.73 4.11 -1.22
CA ASP D 65 -24.13 3.15 -0.19
C ASP D 65 -23.44 1.84 -0.46
N MET D 66 -23.10 1.14 0.62
CA MET D 66 -22.40 -0.12 0.40
C MET D 66 -23.33 -1.26 0.05
N THR D 67 -24.64 -1.05 0.08
CA THR D 67 -25.61 -2.13 -0.11
C THR D 67 -26.34 -1.94 -1.42
N LYS D 68 -26.05 -2.81 -2.39
CA LYS D 68 -26.60 -2.68 -3.74
C LYS D 68 -28.12 -2.58 -3.74
N GLY D 69 -28.77 -3.30 -2.82
CA GLY D 69 -30.22 -3.26 -2.78
C GLY D 69 -30.78 -1.91 -2.41
N GLN D 70 -30.18 -1.26 -1.40
CA GLN D 70 -30.51 0.13 -1.11
C GLN D 70 -30.35 1.03 -2.34
N VAL D 71 -29.27 0.87 -3.09
CA VAL D 71 -29.07 1.72 -4.24
C VAL D 71 -30.17 1.49 -5.26
N GLU D 72 -30.56 0.21 -5.42
CA GLU D 72 -31.62 -0.10 -6.39
C GLU D 72 -32.93 0.54 -5.98
N VAL D 73 -33.29 0.46 -4.69
CA VAL D 73 -34.53 1.09 -4.20
C VAL D 73 -34.49 2.59 -4.42
N ALA D 74 -33.42 3.24 -3.96
CA ALA D 74 -33.27 4.69 -4.15
C ALA D 74 -33.47 5.08 -5.60
N GLU D 75 -32.82 4.37 -6.52
CA GLU D 75 -32.91 4.72 -7.94
C GLU D 75 -34.30 4.45 -8.50
N LYS D 76 -35.07 3.57 -7.86
CA LYS D 76 -36.45 3.36 -8.28
C LYS D 76 -37.22 4.67 -8.31
N TYR D 77 -36.88 5.60 -7.41
CA TYR D 77 -37.69 6.80 -7.17
C TYR D 77 -37.10 8.06 -7.78
N LEU D 78 -36.05 7.94 -8.59
CA LEU D 78 -35.44 9.10 -9.24
C LEU D 78 -36.47 9.90 -10.03
N ASP D 79 -37.16 9.22 -10.96
CA ASP D 79 -38.08 9.94 -11.80
C ASP D 79 -39.24 10.52 -10.99
N TYR D 80 -39.80 9.75 -10.04
CA TYR D 80 -40.85 10.33 -9.20
C TYR D 80 -40.41 11.68 -8.63
N HIS D 81 -39.24 11.72 -7.99
CA HIS D 81 -38.86 12.95 -7.31
C HIS D 81 -38.42 14.03 -8.29
N MET D 82 -37.80 13.66 -9.41
CA MET D 82 -37.44 14.68 -10.40
C MET D 82 -38.68 15.31 -11.02
N GLU D 83 -39.75 14.53 -11.25
CA GLU D 83 -41.02 15.11 -11.68
C GLU D 83 -41.59 16.05 -10.61
N LYS D 84 -41.81 15.51 -9.40
CA LYS D 84 -42.39 16.29 -8.31
C LYS D 84 -41.67 17.62 -8.12
N TYR D 85 -40.35 17.62 -8.33
CA TYR D 85 -39.57 18.82 -8.08
C TYR D 85 -39.54 19.75 -9.29
N GLY D 86 -40.15 19.32 -10.39
CA GLY D 86 -40.14 20.11 -11.63
C GLY D 86 -38.73 20.29 -12.18
N PHE D 87 -37.93 19.22 -12.15
CA PHE D 87 -36.53 19.28 -12.66
C PHE D 87 -36.48 18.64 -14.04
N GLN D 88 -35.93 19.37 -15.03
CA GLN D 88 -35.83 18.85 -16.42
C GLN D 88 -34.94 17.61 -16.45
N ALA D 89 -33.84 17.63 -15.69
CA ALA D 89 -32.89 16.49 -15.67
C ALA D 89 -32.57 16.11 -14.23
N SER D 90 -32.20 14.86 -13.99
CA SER D 90 -31.89 14.38 -12.62
C SER D 90 -30.67 15.11 -12.06
N ASN D 91 -30.74 15.56 -10.82
CA ASN D 91 -29.56 16.20 -10.17
C ASN D 91 -29.01 15.23 -9.12
N VAL D 92 -29.45 13.97 -9.14
CA VAL D 92 -29.00 13.02 -8.08
C VAL D 92 -28.53 11.69 -8.69
N THR D 93 -27.31 11.27 -8.34
CA THR D 93 -26.74 10.01 -8.78
C THR D 93 -26.50 9.16 -7.56
N PHE D 94 -26.86 7.89 -7.66
CA PHE D 94 -26.64 6.93 -6.60
C PHE D 94 -25.59 5.94 -7.06
N ILE D 95 -24.66 5.65 -6.18
CA ILE D 95 -23.54 4.79 -6.45
C ILE D 95 -23.53 3.67 -5.41
N HIS D 96 -23.28 2.45 -5.88
CA HIS D 96 -22.97 1.36 -4.97
C HIS D 96 -21.46 1.31 -4.81
N GLY D 97 -20.99 1.56 -3.60
CA GLY D 97 -19.56 1.66 -3.33
C GLY D 97 -19.32 1.72 -1.83
N TYR D 98 -18.06 1.51 -1.47
CA TYR D 98 -17.63 1.52 -0.07
C TYR D 98 -17.05 2.89 0.22
N ILE D 99 -17.38 3.45 1.39
CA ILE D 99 -17.07 4.86 1.56
C ILE D 99 -15.57 5.06 1.75
N GLU D 100 -14.87 4.08 2.32
CA GLU D 100 -13.43 4.28 2.37
C GLU D 100 -12.76 4.07 1.02
N LYS D 101 -13.51 3.81 -0.07
CA LYS D 101 -12.91 3.68 -1.41
C LYS D 101 -13.68 4.54 -2.42
N LEU D 102 -13.78 5.84 -2.13
CA LEU D 102 -14.53 6.72 -3.02
C LEU D 102 -13.91 6.77 -4.40
N GLY D 103 -12.60 6.56 -4.52
CA GLY D 103 -11.97 6.53 -5.83
C GLY D 103 -12.52 5.41 -6.68
N GLU D 104 -12.53 4.20 -6.13
CA GLU D 104 -13.15 3.08 -6.86
C GLU D 104 -14.62 3.34 -7.12
N ALA D 105 -15.27 4.17 -6.29
CA ALA D 105 -16.66 4.53 -6.58
C ALA D 105 -16.78 5.36 -7.86
N GLY D 106 -15.70 5.98 -8.31
CA GLY D 106 -15.76 6.87 -9.45
C GLY D 106 -15.90 8.34 -9.14
N ILE D 107 -15.78 8.74 -7.87
CA ILE D 107 -15.92 10.14 -7.50
C ILE D 107 -14.57 10.84 -7.66
N LYS D 108 -14.55 11.87 -8.52
CA LYS D 108 -13.26 12.53 -8.87
C LYS D 108 -12.70 13.40 -7.74
N ASN D 109 -11.45 13.82 -7.88
CA ASN D 109 -10.80 14.71 -6.87
C ASN D 109 -11.43 16.10 -6.99
N GLU D 110 -11.52 16.83 -5.88
CA GLU D 110 -12.08 18.21 -5.89
C GLU D 110 -13.32 18.25 -6.78
N SER D 111 -14.32 17.42 -6.47
CA SER D 111 -15.53 17.37 -7.29
C SER D 111 -16.77 17.77 -6.54
N HIS D 112 -16.71 17.86 -5.21
CA HIS D 112 -17.86 18.17 -4.38
C HIS D 112 -17.53 19.27 -3.40
N ASP D 113 -18.47 20.21 -3.28
CA ASP D 113 -18.34 21.31 -2.32
C ASP D 113 -18.54 20.83 -0.89
N ILE D 114 -19.37 19.80 -0.66
CA ILE D 114 -19.69 19.39 0.71
C ILE D 114 -19.80 17.88 0.81
N VAL D 115 -19.39 17.33 1.95
CA VAL D 115 -19.54 15.91 2.28
C VAL D 115 -20.31 15.81 3.60
N VAL D 116 -21.45 15.10 3.59
CA VAL D 116 -22.21 14.81 4.81
C VAL D 116 -22.37 13.28 4.93
N SER D 117 -22.89 12.82 6.07
CA SER D 117 -22.92 11.37 6.21
C SER D 117 -24.11 10.93 7.06
N ASN D 118 -24.52 9.69 6.84
CA ASN D 118 -25.44 8.98 7.73
C ASN D 118 -24.66 8.43 8.90
N CYS D 119 -25.29 8.40 10.08
CA CYS D 119 -24.54 8.03 11.28
C CYS D 119 -24.09 6.57 11.29
N VAL D 120 -24.64 5.70 10.41
CA VAL D 120 -24.08 4.36 10.25
C VAL D 120 -22.60 4.42 9.89
N ILE D 121 -22.18 5.51 9.23
CA ILE D 121 -20.79 5.72 8.81
C ILE D 121 -19.84 5.83 10.00
N ASN D 122 -20.36 6.27 11.15
CA ASN D 122 -19.56 6.29 12.37
C ASN D 122 -19.20 4.90 12.86
N LEU D 123 -19.66 3.87 12.16
CA LEU D 123 -19.40 2.47 12.48
C LEU D 123 -18.45 1.82 11.47
N VAL D 124 -17.50 2.59 10.93
CA VAL D 124 -16.34 2.03 10.23
C VAL D 124 -15.34 1.64 11.31
N PRO D 125 -14.40 0.74 11.03
CA PRO D 125 -13.23 0.66 11.90
C PRO D 125 -12.25 1.79 11.62
N ASP D 126 -12.13 2.24 10.37
CA ASP D 126 -11.07 3.16 9.96
C ASP D 126 -11.64 4.53 9.64
N LYS D 127 -11.60 5.43 10.62
CA LYS D 127 -12.07 6.80 10.40
C LYS D 127 -11.09 7.61 9.54
N GLN D 128 -9.79 7.51 9.80
CA GLN D 128 -8.79 8.25 9.03
C GLN D 128 -8.91 8.04 7.52
N GLN D 129 -9.17 6.80 7.08
CA GLN D 129 -9.24 6.56 5.64
C GLN D 129 -10.44 7.26 5.04
N VAL D 130 -11.54 7.29 5.80
CA VAL D 130 -12.76 8.01 5.41
C VAL D 130 -12.47 9.51 5.28
N LEU D 131 -11.71 10.05 6.24
CA LEU D 131 -11.37 11.46 6.19
C LEU D 131 -10.47 11.79 5.03
N GLN D 132 -9.53 10.89 4.72
CA GLN D 132 -8.66 11.11 3.55
C GLN D 132 -9.47 11.12 2.27
N GLU D 133 -10.42 10.20 2.15
CA GLU D 133 -11.25 10.13 0.93
C GLU D 133 -12.14 11.36 0.85
N ALA D 134 -12.70 11.78 1.98
CA ALA D 134 -13.55 12.99 2.00
C ALA D 134 -12.71 14.20 1.61
N TYR D 135 -11.48 14.30 2.12
CA TYR D 135 -10.60 15.44 1.79
C TYR D 135 -10.29 15.45 0.29
N ARG D 136 -10.02 14.28 -0.28
CA ARG D 136 -9.64 14.19 -1.71
C ARG D 136 -10.80 14.65 -2.60
N VAL D 137 -12.03 14.26 -2.28
CA VAL D 137 -13.19 14.57 -3.18
C VAL D 137 -13.69 16.00 -2.94
N LEU D 138 -13.28 16.63 -1.83
CA LEU D 138 -13.73 17.98 -1.52
C LEU D 138 -12.99 19.03 -2.37
N LYS D 139 -13.75 19.95 -2.98
CA LYS D 139 -13.17 21.13 -3.62
C LYS D 139 -12.45 22.03 -2.60
N HIS D 140 -11.61 22.93 -3.10
CA HIS D 140 -11.03 23.97 -2.28
C HIS D 140 -12.13 24.81 -1.65
N GLY D 141 -12.02 25.04 -0.33
CA GLY D 141 -13.03 25.77 0.40
C GLY D 141 -14.26 24.97 0.80
N GLY D 142 -14.30 23.66 0.48
CA GLY D 142 -15.43 22.82 0.83
C GLY D 142 -15.34 22.31 2.24
N GLU D 143 -16.42 21.67 2.69
CA GLU D 143 -16.43 21.19 4.08
C GLU D 143 -16.96 19.77 4.18
N LEU D 144 -16.32 19.01 5.07
CA LEU D 144 -16.85 17.80 5.65
C LEU D 144 -17.67 18.23 6.86
N TYR D 145 -18.96 17.88 6.87
CA TYR D 145 -19.86 18.36 7.91
C TYR D 145 -20.59 17.14 8.48
N PHE D 146 -20.30 16.78 9.74
CA PHE D 146 -20.70 15.45 10.16
C PHE D 146 -20.73 15.30 11.68
N SER D 147 -21.60 14.38 12.14
CA SER D 147 -21.80 14.03 13.55
C SER D 147 -21.26 12.65 13.85
N ASP D 148 -20.65 12.49 15.01
CA ASP D 148 -20.03 11.21 15.36
C ASP D 148 -19.88 11.16 16.87
N VAL D 149 -19.38 10.02 17.36
CA VAL D 149 -19.21 9.77 18.78
C VAL D 149 -17.74 9.84 19.12
N TYR D 150 -17.43 10.54 20.20
CA TYR D 150 -16.09 10.71 20.71
C TYR D 150 -16.12 10.35 22.18
N THR D 151 -14.93 10.12 22.72
CA THR D 151 -14.73 9.66 24.10
C THR D 151 -13.95 10.69 24.88
N SER D 152 -14.16 10.69 26.19
CA SER D 152 -13.49 11.65 27.04
C SER D 152 -12.06 11.21 27.34
N LEU D 153 -11.76 9.93 27.24
CA LEU D 153 -10.43 9.42 27.57
C LEU D 153 -10.00 8.47 26.46
N GLU D 154 -8.69 8.24 26.37
CA GLU D 154 -8.16 7.35 25.34
C GLU D 154 -8.37 5.91 25.80
N LEU D 155 -9.34 5.23 25.22
CA LEU D 155 -9.58 3.88 25.67
C LEU D 155 -8.50 2.94 25.14
N PRO D 156 -8.09 1.94 25.91
CA PRO D 156 -7.16 0.94 25.38
C PRO D 156 -7.80 0.15 24.26
N GLU D 157 -6.97 -0.33 23.34
CA GLU D 157 -7.48 -1.11 22.22
C GLU D 157 -8.37 -2.24 22.72
N GLU D 158 -7.94 -2.94 23.77
CA GLU D 158 -8.68 -4.09 24.28
C GLU D 158 -10.10 -3.73 24.68
N ILE D 159 -10.33 -2.48 25.08
CA ILE D 159 -11.70 -2.05 25.37
C ILE D 159 -12.43 -1.64 24.11
N ARG D 160 -11.72 -1.06 23.13
CA ARG D 160 -12.35 -0.75 21.85
C ARG D 160 -12.66 -2.02 21.06
N THR D 161 -11.92 -3.09 21.29
CA THR D 161 -12.27 -4.33 20.63
C THR D 161 -13.36 -5.11 21.36
N HIS D 162 -13.93 -4.53 22.42
CA HIS D 162 -14.85 -5.28 23.26
C HIS D 162 -16.22 -5.39 22.60
N LYS D 163 -16.77 -6.61 22.67
CA LYS D 163 -18.04 -6.98 22.06
C LYS D 163 -19.21 -6.17 22.63
N VAL D 164 -19.12 -5.77 23.90
CA VAL D 164 -20.14 -4.92 24.49
C VAL D 164 -20.12 -3.54 23.85
N LEU D 165 -18.95 -2.90 23.83
CA LEU D 165 -18.79 -1.60 23.21
C LEU D 165 -19.32 -1.60 21.78
N TRP D 166 -18.85 -2.53 20.96
CA TRP D 166 -19.37 -2.62 19.60
C TRP D 166 -20.86 -2.95 19.58
N GLY D 167 -21.40 -3.53 20.66
CA GLY D 167 -22.82 -3.81 20.72
C GLY D 167 -23.67 -2.56 20.89
N GLU D 168 -23.09 -1.50 21.44
CA GLU D 168 -23.83 -0.27 21.64
C GLU D 168 -23.56 0.77 20.55
N CYS D 169 -22.94 0.36 19.43
CA CYS D 169 -22.53 1.23 18.34
C CYS D 169 -21.48 2.26 18.76
N LEU D 170 -20.93 2.13 19.96
CA LEU D 170 -19.80 2.93 20.38
C LEU D 170 -18.47 2.37 19.92
N GLY D 171 -18.49 1.40 19.01
CA GLY D 171 -17.26 0.95 18.40
C GLY D 171 -16.76 1.96 17.39
N GLY D 172 -15.44 2.12 17.35
CA GLY D 172 -14.83 3.08 16.45
C GLY D 172 -14.79 4.51 16.93
N ALA D 173 -15.37 4.80 18.10
CA ALA D 173 -15.33 6.15 18.65
C ALA D 173 -13.89 6.62 18.85
N LEU D 174 -13.60 7.85 18.44
CA LEU D 174 -12.28 8.44 18.68
C LEU D 174 -12.24 9.15 20.01
N TYR D 175 -11.07 9.13 20.63
CA TYR D 175 -10.76 10.11 21.66
C TYR D 175 -10.82 11.48 21.01
N TRP D 176 -11.49 12.44 21.64
CA TRP D 176 -11.88 13.65 20.91
C TRP D 176 -10.66 14.46 20.45
N LYS D 177 -9.59 14.50 21.26
CA LYS D 177 -8.36 15.16 20.84
C LYS D 177 -7.78 14.55 19.56
N GLU D 178 -8.16 13.33 19.22
CA GLU D 178 -7.66 12.69 18.02
C GLU D 178 -8.16 13.37 16.74
N LEU D 179 -9.40 13.91 16.75
CA LEU D 179 -9.95 14.48 15.52
C LEU D 179 -9.04 15.56 14.95
N ALA D 180 -8.61 16.49 15.81
CA ALA D 180 -7.76 17.56 15.31
C ALA D 180 -6.45 17.01 14.76
N VAL D 181 -5.83 16.03 15.44
CA VAL D 181 -4.60 15.41 14.93
C VAL D 181 -4.80 14.89 13.51
N LEU D 182 -5.89 14.15 13.29
CA LEU D 182 -6.13 13.62 11.95
C LEU D 182 -6.27 14.74 10.93
N ALA D 183 -6.99 15.80 11.29
CA ALA D 183 -7.16 16.92 10.37
C ALA D 183 -5.81 17.55 10.06
N GLN D 184 -4.98 17.72 11.10
CA GLN D 184 -3.67 18.31 10.90
C GLN D 184 -2.87 17.49 9.89
N LYS D 185 -2.90 16.18 10.03
CA LYS D 185 -2.08 15.36 9.17
C LYS D 185 -2.70 15.17 7.80
N ILE D 186 -4.02 15.30 7.67
CA ILE D 186 -4.65 15.03 6.39
C ILE D 186 -4.67 16.28 5.51
N GLY D 187 -4.79 17.47 6.10
CA GLY D 187 -4.89 18.70 5.34
C GLY D 187 -6.10 19.54 5.67
N PHE D 188 -6.91 19.12 6.64
CA PHE D 188 -8.03 19.94 7.06
C PHE D 188 -7.56 21.05 8.00
N CYS D 189 -8.31 22.16 7.99
CA CYS D 189 -8.22 23.20 9.02
C CYS D 189 -8.62 22.55 10.34
N PRO D 190 -8.39 23.20 11.47
CA PRO D 190 -8.83 22.63 12.75
C PRO D 190 -10.35 22.43 12.77
N PRO D 191 -10.81 21.33 13.35
CA PRO D 191 -12.26 21.05 13.42
C PRO D 191 -13.01 22.17 14.13
N ARG D 192 -14.09 22.62 13.50
CA ARG D 192 -15.03 23.55 14.14
C ARG D 192 -16.04 22.71 14.87
N LEU D 193 -15.99 22.75 16.19
CA LEU D 193 -17.04 22.16 17.02
C LEU D 193 -18.31 22.99 16.88
N VAL D 194 -19.42 22.35 16.52
CA VAL D 194 -20.67 23.07 16.38
C VAL D 194 -21.56 22.75 17.58
N THR D 195 -21.82 21.46 17.82
CA THR D 195 -22.71 21.05 18.91
C THR D 195 -22.27 19.68 19.46
N ALA D 196 -22.75 19.39 20.66
CA ALA D 196 -22.29 18.25 21.45
C ALA D 196 -23.36 17.89 22.47
N ASN D 197 -23.70 16.61 22.56
CA ASN D 197 -24.63 16.10 23.56
C ASN D 197 -24.03 14.86 24.19
N LEU D 198 -23.94 14.82 25.51
CA LEU D 198 -23.47 13.64 26.20
C LEU D 198 -24.37 12.46 25.91
N ILE D 199 -23.77 11.28 25.78
CA ILE D 199 -24.49 10.03 25.64
C ILE D 199 -24.58 9.38 27.01
N THR D 200 -25.78 9.00 27.41
CA THR D 200 -25.96 8.27 28.66
C THR D 200 -25.81 6.79 28.36
N ILE D 201 -25.19 6.07 29.28
CA ILE D 201 -24.94 4.65 29.11
C ILE D 201 -25.91 3.91 30.02
N GLN D 202 -26.94 3.28 29.43
CA GLN D 202 -27.87 2.46 30.17
C GLN D 202 -27.31 1.08 30.51
N ASN D 203 -26.32 0.64 29.76
CA ASN D 203 -25.80 -0.73 29.81
C ASN D 203 -24.96 -0.93 31.06
N LYS D 204 -25.26 -1.98 31.81
CA LYS D 204 -24.60 -2.21 33.10
C LYS D 204 -23.17 -2.73 32.92
N GLU D 205 -22.99 -3.74 32.05
CA GLU D 205 -21.65 -4.26 31.78
C GLU D 205 -20.75 -3.18 31.17
N LEU D 206 -21.30 -2.38 30.25
CA LEU D 206 -20.51 -1.30 29.67
C LEU D 206 -20.10 -0.30 30.74
N GLU D 207 -21.02 0.04 31.64
CA GLU D 207 -20.69 0.87 32.81
C GLU D 207 -19.43 0.35 33.49
N ARG D 208 -19.35 -0.97 33.67
CA ARG D 208 -18.14 -1.55 34.26
C ARG D 208 -16.92 -1.37 33.36
N VAL D 209 -17.06 -1.64 32.06
CA VAL D 209 -15.88 -1.79 31.21
C VAL D 209 -15.21 -0.44 30.92
N ILE D 210 -16.01 0.62 30.73
CA ILE D 210 -15.37 1.87 30.30
C ILE D 210 -14.83 2.66 31.48
N GLY D 211 -15.45 2.58 32.62
CA GLY D 211 -14.88 3.16 33.83
C GLY D 211 -15.32 4.61 34.01
N ASP D 212 -14.36 5.53 34.03
CA ASP D 212 -14.67 6.94 34.14
C ASP D 212 -14.81 7.61 32.77
N CYS D 213 -14.59 6.87 31.69
CA CYS D 213 -14.72 7.42 30.35
C CYS D 213 -16.17 7.74 30.01
N ARG D 214 -16.38 8.85 29.33
CA ARG D 214 -17.71 9.25 28.86
C ARG D 214 -17.71 9.37 27.35
N PHE D 215 -18.91 9.46 26.81
CA PHE D 215 -19.12 9.47 25.38
C PHE D 215 -19.98 10.67 25.00
N VAL D 216 -19.67 11.26 23.86
CA VAL D 216 -20.39 12.43 23.39
C VAL D 216 -20.67 12.30 21.90
N SER D 217 -21.85 12.78 21.50
CA SER D 217 -22.24 12.90 20.11
C SER D 217 -22.01 14.35 19.75
N ALA D 218 -21.23 14.59 18.71
CA ALA D 218 -20.79 15.95 18.44
C ALA D 218 -20.63 16.13 16.95
N THR D 219 -20.87 17.38 16.51
CA THR D 219 -20.88 17.76 15.11
C THR D 219 -19.69 18.66 14.82
N PHE D 220 -18.91 18.33 13.79
CA PHE D 220 -17.78 19.18 13.42
C PHE D 220 -17.82 19.51 11.94
N ARG D 221 -17.37 20.74 11.65
CA ARG D 221 -17.08 21.17 10.30
C ARG D 221 -15.58 21.10 10.11
N LEU D 222 -15.15 20.40 9.05
CA LEU D 222 -13.76 20.28 8.67
C LEU D 222 -13.64 20.93 7.31
N PHE D 223 -12.87 22.01 7.22
CA PHE D 223 -12.71 22.72 5.96
C PHE D 223 -11.40 22.36 5.28
N LYS D 224 -11.45 22.38 3.96
CA LYS D 224 -10.29 22.11 3.13
C LYS D 224 -9.96 23.41 2.39
N HIS D 225 -8.81 24.02 2.72
CA HIS D 225 -8.33 25.10 1.86
C HIS D 225 -6.83 25.28 2.04
N SER D 226 -6.26 26.11 1.15
CA SER D 226 -4.82 26.27 0.96
C SER D 226 -4.42 27.70 1.23
N LYS D 227 -3.16 27.89 1.64
CA LYS D 227 -2.65 29.19 2.09
C LYS D 227 -1.89 29.89 0.96
N THR D 228 -2.66 30.57 0.11
CA THR D 228 -2.17 31.26 -1.07
C THR D 228 -1.43 32.56 -0.75
N GLY D 229 -1.40 32.97 0.52
CA GLY D 229 -0.88 34.26 0.88
C GLY D 229 -1.06 34.51 2.36
N PRO D 230 -0.49 35.60 2.86
CA PRO D 230 -0.67 35.91 4.27
C PRO D 230 -2.12 36.28 4.55
N THR D 231 -2.56 35.97 5.75
CA THR D 231 -3.90 36.29 6.21
C THR D 231 -3.77 37.17 7.43
N LYS D 232 -4.52 38.26 7.48
CA LYS D 232 -4.57 39.03 8.70
C LYS D 232 -5.84 38.67 9.47
N ARG D 233 -5.92 39.14 10.70
CA ARG D 233 -7.22 39.16 11.35
C ARG D 233 -8.16 40.06 10.54
N CYS D 234 -9.44 39.72 10.58
CA CYS D 234 -10.40 40.39 9.71
C CYS D 234 -11.65 40.73 10.50
N GLN D 235 -12.47 41.60 9.93
CA GLN D 235 -13.83 41.78 10.38
C GLN D 235 -14.77 41.29 9.30
N VAL D 236 -15.90 40.74 9.74
CA VAL D 236 -16.91 40.18 8.86
C VAL D 236 -18.26 40.69 9.30
N ILE D 237 -19.12 40.94 8.32
CA ILE D 237 -20.53 41.28 8.54
C ILE D 237 -21.37 40.32 7.74
N TYR D 238 -22.27 39.60 8.43
CA TYR D 238 -23.19 38.69 7.77
C TYR D 238 -24.29 39.52 7.09
N ASN D 239 -24.40 39.40 5.75
CA ASN D 239 -25.40 40.10 4.96
C ASN D 239 -26.82 39.55 5.12
N GLY D 240 -26.99 38.46 5.85
CA GLY D 240 -28.32 38.05 6.25
C GLY D 240 -29.19 37.38 5.21
N GLY D 241 -28.61 36.76 4.19
CA GLY D 241 -29.50 36.08 3.26
C GLY D 241 -29.23 34.61 2.98
N ILE D 242 -28.82 33.84 3.97
CA ILE D 242 -28.76 32.38 3.86
C ILE D 242 -30.15 31.82 4.17
N THR D 243 -30.73 31.06 3.24
CA THR D 243 -32.03 30.42 3.47
C THR D 243 -32.14 29.77 4.85
N GLY D 244 -33.17 30.19 5.59
CA GLY D 244 -33.42 29.73 6.94
C GLY D 244 -32.48 30.25 8.01
N HIS D 245 -31.51 31.09 7.68
CA HIS D 245 -30.72 31.69 8.74
C HIS D 245 -30.51 33.17 8.49
N GLU D 246 -31.57 33.85 8.00
CA GLU D 246 -31.51 35.27 7.66
C GLU D 246 -31.04 36.14 8.84
N LYS D 247 -31.66 35.96 10.00
CA LYS D 247 -31.38 36.83 11.13
C LYS D 247 -29.96 36.65 11.65
N GLU D 248 -29.48 35.40 11.67
CA GLU D 248 -28.15 35.15 12.19
C GLU D 248 -27.72 33.77 11.75
N LEU D 249 -26.41 33.59 11.67
CA LEU D 249 -25.76 32.39 11.21
C LEU D 249 -24.95 31.83 12.38
N MET D 250 -25.40 30.73 12.96
CA MET D 250 -24.59 30.10 14.01
C MET D 250 -23.55 29.23 13.31
N PHE D 251 -22.34 29.77 13.12
CA PHE D 251 -21.34 29.04 12.34
C PHE D 251 -20.75 27.90 13.14
N ASP D 252 -20.26 28.19 14.34
CA ASP D 252 -19.88 27.15 15.27
C ASP D 252 -20.14 27.64 16.69
N ALA D 253 -19.62 26.90 17.66
CA ALA D 253 -19.94 27.20 19.04
C ALA D 253 -19.11 28.37 19.57
N ASN D 254 -18.27 28.97 18.74
CA ASN D 254 -17.54 30.17 19.12
C ASN D 254 -18.01 31.42 18.39
N PHE D 255 -18.78 31.26 17.31
CA PHE D 255 -19.13 32.34 16.41
C PHE D 255 -20.59 32.18 15.99
N THR D 256 -21.46 33.01 16.54
CA THR D 256 -22.74 33.29 15.93
C THR D 256 -22.69 34.71 15.37
N PHE D 257 -23.02 34.82 14.08
CA PHE D 257 -22.87 36.02 13.28
C PHE D 257 -24.27 36.55 13.02
N LYS D 258 -24.67 37.55 13.82
CA LYS D 258 -25.98 38.20 13.67
C LYS D 258 -25.95 39.19 12.51
N GLU D 259 -26.99 39.14 11.67
CA GLU D 259 -27.11 40.01 10.48
C GLU D 259 -26.65 41.44 10.76
N GLY D 260 -25.75 41.95 9.92
CA GLY D 260 -25.35 43.34 10.04
C GLY D 260 -24.34 43.66 11.11
N GLU D 261 -24.17 42.81 12.14
CA GLU D 261 -23.15 43.07 13.18
C GLU D 261 -21.71 42.91 12.66
N ILE D 262 -20.81 43.73 13.19
CA ILE D 262 -19.39 43.72 12.80
C ILE D 262 -18.66 42.85 13.81
N VAL D 263 -18.14 41.70 13.36
CA VAL D 263 -17.43 40.77 14.23
C VAL D 263 -15.98 40.67 13.78
N GLU D 264 -15.06 40.83 14.72
CA GLU D 264 -13.66 40.56 14.47
C GLU D 264 -13.41 39.06 14.58
N VAL D 265 -12.70 38.50 13.60
CA VAL D 265 -12.42 37.08 13.58
C VAL D 265 -10.93 36.86 13.36
N ASP D 266 -10.45 35.75 13.93
CA ASP D 266 -9.07 35.29 13.82
C ASP D 266 -8.70 34.97 12.37
N GLU D 267 -7.40 34.72 12.15
CA GLU D 267 -6.88 34.48 10.82
C GLU D 267 -7.51 33.24 10.19
N GLU D 268 -7.62 32.15 10.93
CA GLU D 268 -8.19 30.95 10.34
C GLU D 268 -9.68 31.07 10.06
N THR D 269 -10.49 31.53 11.04
CA THR D 269 -11.91 31.73 10.74
C THR D 269 -12.09 32.60 9.51
N ALA D 270 -11.25 33.62 9.36
CA ALA D 270 -11.37 34.50 8.20
C ALA D 270 -10.99 33.77 6.93
N ALA D 271 -9.92 32.97 6.95
CA ALA D 271 -9.57 32.19 5.78
C ALA D 271 -10.71 31.28 5.37
N ILE D 272 -11.35 30.65 6.35
CA ILE D 272 -12.46 29.75 6.04
C ILE D 272 -13.60 30.53 5.40
N LEU D 273 -13.98 31.65 6.00
CA LEU D 273 -15.08 32.41 5.45
C LEU D 273 -14.74 32.97 4.06
N LYS D 274 -13.49 33.43 3.87
CA LYS D 274 -13.04 33.95 2.56
C LYS D 274 -13.02 32.87 1.49
N ASN D 275 -12.55 31.68 1.82
CA ASN D 275 -12.31 30.66 0.80
C ASN D 275 -13.48 29.74 0.54
N SER D 276 -14.43 29.69 1.47
CA SER D 276 -15.61 28.85 1.34
C SER D 276 -16.68 29.54 0.50
N ARG D 277 -17.83 28.87 0.39
CA ARG D 277 -19.03 29.40 -0.22
C ARG D 277 -19.72 30.43 0.67
N PHE D 278 -19.32 30.56 1.94
CA PHE D 278 -19.91 31.58 2.79
C PHE D 278 -19.48 32.98 2.43
N ALA D 279 -18.48 33.12 1.58
CA ALA D 279 -17.92 34.43 1.29
C ALA D 279 -18.96 35.35 0.64
N GLN D 280 -19.78 34.79 -0.26
CA GLN D 280 -20.92 35.51 -0.83
C GLN D 280 -21.83 36.10 0.25
N ASP D 281 -21.82 35.58 1.46
CA ASP D 281 -22.76 35.91 2.52
C ASP D 281 -22.20 36.86 3.55
N PHE D 282 -20.95 37.26 3.40
CA PHE D 282 -20.33 38.15 4.35
C PHE D 282 -19.63 39.28 3.61
N LEU D 283 -19.63 40.46 4.22
CA LEU D 283 -18.69 41.51 3.86
C LEU D 283 -17.48 41.25 4.74
N ILE D 284 -16.31 41.17 4.12
CA ILE D 284 -15.09 40.83 4.84
C ILE D 284 -14.02 41.89 4.55
N ARG D 285 -13.60 42.60 5.59
CA ARG D 285 -12.59 43.63 5.48
C ARG D 285 -11.44 43.25 6.41
N PRO D 286 -10.19 43.38 5.97
CA PRO D 286 -9.08 43.14 6.90
C PRO D 286 -8.94 44.31 7.86
N ILE D 287 -8.34 43.97 9.01
CA ILE D 287 -8.19 44.74 10.23
C ILE D 287 -9.51 45.37 10.55
N ASP D 304 -11.56 31.96 25.74
CA ASP D 304 -12.99 31.66 25.67
C ASP D 304 -13.38 30.75 24.50
N ILE D 305 -12.40 30.26 23.74
CA ILE D 305 -12.64 29.43 22.55
C ILE D 305 -12.82 27.98 22.98
N ILE D 306 -14.04 27.47 22.86
CA ILE D 306 -14.36 26.08 23.19
C ILE D 306 -13.88 25.16 22.06
N THR D 307 -13.25 24.03 22.43
CA THR D 307 -12.87 22.99 21.46
C THR D 307 -13.32 21.63 21.96
N ASP D 308 -13.41 21.51 23.26
CA ASP D 308 -13.64 20.30 24.00
C ASP D 308 -15.13 20.02 23.99
N PRO D 309 -15.57 18.98 23.26
CA PRO D 309 -17.02 18.71 23.13
C PRO D 309 -17.68 18.30 24.43
N PHE D 310 -16.92 17.85 25.43
CA PHE D 310 -17.54 17.51 26.70
C PHE D 310 -17.84 18.76 27.54
N LYS D 311 -16.94 19.76 27.55
CA LYS D 311 -17.32 21.03 28.18
C LYS D 311 -18.49 21.68 27.44
N LEU D 312 -18.45 21.64 26.10
CA LEU D 312 -19.59 22.16 25.35
C LEU D 312 -20.90 21.48 25.77
N ALA D 313 -20.91 20.15 25.82
CA ALA D 313 -22.16 19.45 26.15
C ALA D 313 -22.58 19.71 27.60
N GLU D 314 -21.61 19.78 28.53
CA GLU D 314 -21.95 19.97 29.93
C GLU D 314 -22.68 21.30 30.16
N GLU D 315 -22.41 22.31 29.35
CA GLU D 315 -22.91 23.66 29.64
C GLU D 315 -24.34 23.95 29.18
N SER D 316 -25.03 23.03 28.49
CA SER D 316 -26.47 23.23 28.22
C SER D 316 -27.32 23.49 29.49
C1 EDO E . 34.53 -14.10 -13.25
O1 EDO E . 33.55 -13.33 -14.02
C2 EDO E . 34.32 -15.62 -13.35
O2 EDO E . 34.30 -16.20 -12.03
C1 EDO F . 14.00 37.18 -3.71
O1 EDO F . 12.98 36.56 -4.53
C2 EDO F . 15.42 37.01 -4.29
O2 EDO F . 16.31 36.50 -3.27
C1 EDO G . -14.52 -36.63 1.94
O1 EDO G . -14.18 -35.90 0.73
C2 EDO G . -16.00 -36.45 2.35
O2 EDO G . -16.08 -36.08 3.74
C1 EDO H . -35.10 14.57 11.47
O1 EDO H . -34.80 13.92 10.22
C2 EDO H . -34.94 16.10 11.40
O2 EDO H . -34.12 16.56 12.50
#